data_5F0X
#
_entry.id   5F0X
#
_cell.length_a   56.347
_cell.length_b   74.448
_cell.length_c   85.882
_cell.angle_alpha   90.000
_cell.angle_beta   97.670
_cell.angle_gamma   90.000
#
_symmetry.space_group_name_H-M   'P 1 21 1'
#
loop_
_entity.id
_entity.type
_entity.pdbx_description
1 polymer '78 kDa glucose-regulated protein'
2 non-polymer 'MAGNESIUM ION'
3 non-polymer 'PHOSPHATE ION'
4 non-polymer "2'-DEOXYADENOSINE 5'-TRIPHOSPHATE"
5 non-polymer "2'-DEOXYADENOSINE-5'-DIPHOSPHATE"
6 water water
#
_entity_poly.entity_id   1
_entity_poly.type   'polypeptide(L)'
_entity_poly.pdbx_seq_one_letter_code
;MHHHHHHSSGRENLYFQGDVGTVVGIDLGTTYSCVGVFKNGRVEIIANDQGNRITPSYVAFTPEGERLIGDAAKNQLTSN
PENTVFDAKRLIGRTWNDPSVQQDIKFLPFKVVEKKTKPYIQVDIGGGQTKTFAPEEISAMVLTKMKETAEAYLGKKVTH
AVVTVPAYFNDAQRQATKDAGTIAGLNVMRIINEPTAAAIAYGLDKREGEKNILVFDLGGGTFDVSLLTIDNGVFEVVAT
NGDTHLGGEDFDQRVMEHFIKLYKKKTGKDVRKDNRAVQKLRREVEKAKRALSSQHQARIEIESFYEGEDFSETLTRAKF
EELNMDLFRSTMKPVQKVLEDSDLKKSDIDEIVLVGGSTRIPKIQQLVKEFFNGKEPSRGINPDEAVAYGAAVQAGVLSG
;
_entity_poly.pdbx_strand_id   A,B
#
# COMPACT_ATOMS: atom_id res chain seq x y z
N ASP A 19 -23.00 9.84 15.63
CA ASP A 19 -22.36 9.93 14.29
C ASP A 19 -21.04 10.70 14.41
N VAL A 20 -19.93 9.99 14.19
CA VAL A 20 -18.61 10.62 14.26
C VAL A 20 -18.22 11.36 12.98
N GLY A 21 -18.99 11.17 11.91
CA GLY A 21 -18.73 11.84 10.65
C GLY A 21 -17.49 11.31 9.96
N THR A 22 -16.80 12.20 9.24
CA THR A 22 -15.57 11.86 8.55
C THR A 22 -14.41 12.15 9.46
N VAL A 23 -13.72 11.09 9.87
CA VAL A 23 -12.60 11.18 10.78
C VAL A 23 -11.34 11.52 9.99
N VAL A 24 -10.58 12.52 10.47
CA VAL A 24 -9.34 12.91 9.81
C VAL A 24 -8.14 12.32 10.53
N GLY A 25 -7.03 12.23 9.81
CA GLY A 25 -5.75 11.86 10.37
C GLY A 25 -4.79 13.01 10.44
N ILE A 26 -4.27 13.29 11.62
CA ILE A 26 -3.37 14.43 11.82
C ILE A 26 -2.02 14.02 12.38
N ASP A 27 -0.99 14.40 11.66
CA ASP A 27 0.39 14.38 12.12
C ASP A 27 0.64 15.72 12.81
N LEU A 28 0.69 15.71 14.13
CA LEU A 28 0.91 16.91 14.91
C LEU A 28 2.41 16.96 15.22
N GLY A 29 3.17 17.62 14.35
CA GLY A 29 4.62 17.51 14.37
C GLY A 29 5.27 18.58 15.23
N THR A 30 6.53 18.36 15.58
CA THR A 30 7.30 19.32 16.35
C THR A 30 7.39 20.67 15.63
N THR A 31 7.81 20.62 14.37
CA THR A 31 8.02 21.80 13.54
C THR A 31 6.91 22.00 12.51
N TYR A 32 6.45 20.90 11.92
CA TYR A 32 5.42 20.89 10.86
C TYR A 32 4.35 19.86 11.11
N SER A 33 3.10 20.22 10.79
CA SER A 33 1.96 19.34 10.91
C SER A 33 1.32 19.09 9.54
N CYS A 34 0.53 18.02 9.44
CA CYS A 34 0.00 17.55 8.15
C CYS A 34 -1.31 16.82 8.42
N VAL A 35 -2.30 17.01 7.56
CA VAL A 35 -3.60 16.35 7.71
C VAL A 35 -3.99 15.62 6.46
N GLY A 36 -4.53 14.41 6.64
CA GLY A 36 -5.07 13.62 5.56
C GLY A 36 -6.45 13.08 5.86
N VAL A 37 -7.14 12.63 4.83
CA VAL A 37 -8.46 12.07 4.99
C VAL A 37 -8.77 11.12 3.84
N PHE A 38 -9.54 10.07 4.11
CA PHE A 38 -10.15 9.25 3.04
C PHE A 38 -11.31 10.03 2.49
N LYS A 39 -11.28 10.39 1.20
CA LYS A 39 -12.40 11.18 0.65
C LYS A 39 -13.29 10.34 -0.26
N ASN A 40 -12.87 10.11 -1.50
CA ASN A 40 -13.70 9.33 -2.43
C ASN A 40 -13.02 8.01 -2.72
N GLY A 41 -12.92 7.19 -1.68
CA GLY A 41 -12.26 5.90 -1.77
C GLY A 41 -10.75 6.00 -1.82
N ARG A 42 -10.21 7.17 -1.50
CA ARG A 42 -8.75 7.41 -1.65
C ARG A 42 -8.25 8.32 -0.52
N VAL A 43 -7.06 8.05 0.01
CA VAL A 43 -6.43 8.95 0.98
C VAL A 43 -5.92 10.21 0.26
N GLU A 44 -6.30 11.37 0.78
CA GLU A 44 -5.85 12.65 0.26
C GLU A 44 -5.12 13.41 1.35
N ILE A 45 -3.93 13.90 1.01
CA ILE A 45 -3.15 14.77 1.91
C ILE A 45 -3.47 16.20 1.53
N ILE A 46 -3.97 16.98 2.49
CA ILE A 46 -4.71 18.16 2.16
C ILE A 46 -3.86 19.43 2.19
N ALA A 47 -3.89 20.19 1.10
CA ALA A 47 -3.18 21.46 1.05
C ALA A 47 -3.97 22.50 1.80
N ASN A 48 -3.25 23.31 2.57
CA ASN A 48 -3.85 24.40 3.30
C ASN A 48 -4.16 25.60 2.40
N ASP A 49 -4.66 26.66 3.00
CA ASP A 49 -5.05 27.79 2.21
C ASP A 49 -3.88 28.54 1.55
N GLN A 50 -2.65 28.25 1.98
CA GLN A 50 -1.46 28.75 1.28
C GLN A 50 -0.90 27.76 0.24
N GLY A 51 -1.63 26.69 -0.02
CA GLY A 51 -1.24 25.69 -1.02
C GLY A 51 -0.20 24.70 -0.57
N ASN A 52 0.00 24.59 0.74
CA ASN A 52 1.05 23.76 1.29
C ASN A 52 0.47 22.58 2.00
N ARG A 53 1.02 21.39 1.74
CA ARG A 53 0.53 20.16 2.38
C ARG A 53 1.13 19.91 3.76
N ILE A 54 2.07 20.77 4.17
CA ILE A 54 2.49 20.83 5.58
C ILE A 54 2.32 22.25 6.11
N THR A 55 2.04 22.34 7.40
CA THR A 55 1.73 23.61 8.08
C THR A 55 2.67 23.72 9.29
N PRO A 56 3.41 24.84 9.39
CA PRO A 56 4.26 25.01 10.57
C PRO A 56 3.47 25.01 11.85
N SER A 57 4.01 24.31 12.86
CA SER A 57 3.38 24.23 14.17
C SER A 57 3.74 25.47 15.00
N TYR A 58 3.32 26.62 14.47
CA TYR A 58 3.71 27.94 14.97
C TYR A 58 2.49 28.78 15.29
N VAL A 59 2.61 29.61 16.33
CA VAL A 59 1.56 30.55 16.71
C VAL A 59 2.19 31.93 16.97
N ALA A 60 1.58 32.99 16.47
CA ALA A 60 2.03 34.38 16.72
C ALA A 60 0.84 35.32 16.71
N PHE A 61 1.06 36.62 16.90
CA PHE A 61 -0.04 37.60 16.96
C PHE A 61 0.28 38.85 16.20
N THR A 62 -0.72 39.44 15.55
CA THR A 62 -0.54 40.71 14.84
C THR A 62 -0.60 41.83 15.88
N PRO A 63 -0.28 43.08 15.46
CA PRO A 63 -0.44 44.24 16.37
C PRO A 63 -1.88 44.42 16.88
N GLU A 64 -2.85 44.15 16.00
CA GLU A 64 -4.28 44.24 16.37
C GLU A 64 -4.72 43.13 17.31
N GLY A 65 -3.82 42.19 17.62
CA GLY A 65 -4.12 41.07 18.47
C GLY A 65 -4.76 39.91 17.75
N GLU A 66 -4.64 39.87 16.42
CA GLU A 66 -5.16 38.76 15.66
C GLU A 66 -4.21 37.60 15.86
N ARG A 67 -4.74 36.42 16.14
CA ARG A 67 -3.92 35.24 16.32
C ARG A 67 -3.54 34.67 14.97
N LEU A 68 -2.24 34.52 14.73
CA LEU A 68 -1.73 33.90 13.50
C LEU A 68 -1.33 32.48 13.82
N ILE A 69 -1.68 31.54 12.94
CA ILE A 69 -1.32 30.14 13.13
C ILE A 69 -0.80 29.60 11.82
N GLY A 70 0.33 28.90 11.88
CA GLY A 70 0.88 28.24 10.70
C GLY A 70 1.82 29.10 9.92
N ASP A 71 1.63 29.09 8.59
CA ASP A 71 2.52 29.81 7.69
C ASP A 71 2.59 31.32 8.05
N ALA A 72 1.41 31.89 8.30
CA ALA A 72 1.32 33.30 8.65
C ALA A 72 2.11 33.64 9.94
N ALA A 73 2.09 32.73 10.90
CA ALA A 73 2.84 32.91 12.16
C ALA A 73 4.33 32.83 11.93
N LYS A 74 4.78 31.78 11.23
CA LYS A 74 6.20 31.58 11.00
C LYS A 74 6.79 32.67 10.12
N ASN A 75 6.02 33.13 9.13
CA ASN A 75 6.50 34.10 8.16
C ASN A 75 6.43 35.58 8.58
N GLN A 76 5.75 35.87 9.71
CA GLN A 76 5.63 37.27 10.16
C GLN A 76 6.99 37.79 10.60
N LEU A 77 7.39 38.93 10.02
CA LEU A 77 8.62 39.61 10.42
C LEU A 77 8.34 40.36 11.71
N THR A 78 9.25 40.24 12.67
CA THR A 78 9.02 40.83 14.00
C THR A 78 10.33 41.23 14.68
N SER A 79 10.31 42.37 15.36
CA SER A 79 11.40 42.78 16.21
C SER A 79 11.33 42.12 17.60
N ASN A 80 10.21 41.45 17.87
CA ASN A 80 9.95 40.78 19.14
C ASN A 80 9.67 39.29 18.96
N PRO A 81 10.69 38.51 18.57
CA PRO A 81 10.45 37.09 18.32
C PRO A 81 10.07 36.28 19.59
N GLU A 82 10.30 36.87 20.78
CA GLU A 82 9.88 36.24 21.99
C GLU A 82 8.37 35.98 22.08
N ASN A 83 7.56 36.65 21.23
CA ASN A 83 6.09 36.42 21.22
C ASN A 83 5.64 35.40 20.15
N THR A 84 6.61 34.70 19.56
CA THR A 84 6.33 33.64 18.58
C THR A 84 6.56 32.31 19.25
N VAL A 85 5.55 31.45 19.20
CA VAL A 85 5.59 30.21 19.91
C VAL A 85 5.67 29.05 18.93
N PHE A 86 6.55 28.11 19.26
CA PHE A 86 6.75 26.91 18.47
C PHE A 86 7.35 25.85 19.39
N ASP A 87 7.51 24.64 18.87
CA ASP A 87 8.09 23.54 19.66
C ASP A 87 7.28 23.21 20.95
N ALA A 88 5.98 23.52 20.98
CA ALA A 88 5.17 23.14 22.16
C ALA A 88 5.20 21.64 22.41
N LYS A 89 5.39 20.85 21.35
CA LYS A 89 5.46 19.38 21.48
C LYS A 89 6.59 18.91 22.40
N ARG A 90 7.62 19.75 22.56
CA ARG A 90 8.73 19.44 23.43
C ARG A 90 8.32 19.48 24.91
N LEU A 91 7.26 20.25 25.21
CA LEU A 91 6.79 20.49 26.59
C LEU A 91 5.50 19.77 26.96
N ILE A 92 4.73 19.38 25.95
CA ILE A 92 3.39 18.88 26.18
C ILE A 92 3.43 17.61 27.02
N GLY A 93 2.55 17.57 28.02
CA GLY A 93 2.48 16.40 28.90
C GLY A 93 3.63 16.19 29.85
N ARG A 94 4.45 17.21 30.08
CA ARG A 94 5.60 17.08 31.00
C ARG A 94 5.43 17.96 32.21
N THR A 95 6.03 17.53 33.32
CA THR A 95 6.05 18.34 34.53
C THR A 95 7.26 19.29 34.51
N TRP A 96 7.28 20.28 35.40
CA TRP A 96 8.30 21.31 35.37
C TRP A 96 9.70 20.75 35.51
N ASN A 97 9.92 19.87 36.48
CA ASN A 97 11.28 19.41 36.74
C ASN A 97 11.70 18.18 35.96
N ASP A 98 10.92 17.80 34.96
CA ASP A 98 11.37 16.86 33.92
C ASP A 98 12.68 17.40 33.37
N PRO A 99 13.76 16.59 33.38
CA PRO A 99 15.05 17.12 32.95
C PRO A 99 15.02 17.63 31.50
N SER A 100 14.13 17.06 30.69
CA SER A 100 13.94 17.47 29.31
C SER A 100 13.44 18.92 29.25
N VAL A 101 12.50 19.25 30.15
CA VAL A 101 11.93 20.59 30.21
C VAL A 101 13.00 21.57 30.67
N GLN A 102 13.72 21.20 31.72
CA GLN A 102 14.73 22.09 32.27
C GLN A 102 15.82 22.44 31.27
N GLN A 103 16.16 21.53 30.37
CA GLN A 103 17.13 21.82 29.36
C GLN A 103 16.51 22.62 28.23
N ASP A 104 15.34 22.23 27.76
CA ASP A 104 14.72 22.97 26.63
C ASP A 104 14.42 24.43 26.94
N ILE A 105 14.04 24.74 28.19
CA ILE A 105 13.74 26.15 28.52
C ILE A 105 14.99 27.06 28.42
N LYS A 106 16.18 26.47 28.46
CA LYS A 106 17.41 27.26 28.28
C LYS A 106 17.52 27.79 26.85
N PHE A 107 16.98 27.02 25.90
CA PHE A 107 17.23 27.24 24.47
C PHE A 107 16.04 27.80 23.69
N LEU A 108 14.84 27.77 24.26
CA LEU A 108 13.64 28.28 23.59
C LEU A 108 13.60 29.79 23.74
N PRO A 109 13.37 30.51 22.62
CA PRO A 109 13.47 31.97 22.62
C PRO A 109 12.25 32.74 23.15
N PHE A 110 11.22 32.03 23.59
CA PHE A 110 10.04 32.62 24.21
C PHE A 110 10.07 32.18 25.68
N LYS A 111 9.36 32.91 26.53
CA LYS A 111 9.35 32.63 27.97
C LYS A 111 8.55 31.38 28.30
N VAL A 112 9.20 30.47 29.01
CA VAL A 112 8.54 29.33 29.62
C VAL A 112 8.68 29.45 31.12
N VAL A 113 7.54 29.50 31.79
CA VAL A 113 7.48 29.80 33.20
C VAL A 113 6.78 28.66 33.94
N GLU A 114 7.11 28.50 35.21
CA GLU A 114 6.51 27.46 36.03
C GLU A 114 5.19 27.98 36.57
N LYS A 115 4.12 27.25 36.29
CA LYS A 115 2.83 27.51 36.89
C LYS A 115 2.29 26.19 37.37
N LYS A 116 1.86 26.16 38.63
CA LYS A 116 1.31 24.95 39.23
C LYS A 116 2.22 23.72 39.02
N THR A 117 3.52 23.97 39.16
CA THR A 117 4.60 22.97 38.96
C THR A 117 4.67 22.34 37.56
N LYS A 118 4.16 23.06 36.56
CA LYS A 118 4.20 22.64 35.14
C LYS A 118 4.69 23.78 34.22
N PRO A 119 5.20 23.45 33.03
CA PRO A 119 5.66 24.50 32.12
C PRO A 119 4.52 25.14 31.40
N TYR A 120 4.51 26.46 31.40
CA TYR A 120 3.56 27.25 30.65
C TYR A 120 4.30 28.25 29.81
N ILE A 121 3.68 28.68 28.72
CA ILE A 121 4.29 29.58 27.77
C ILE A 121 3.69 30.97 27.95
N GLN A 122 4.54 31.98 28.15
CA GLN A 122 4.07 33.33 28.43
C GLN A 122 4.45 34.27 27.29
N VAL A 123 3.45 34.94 26.73
CA VAL A 123 3.66 35.85 25.58
C VAL A 123 2.74 37.04 25.66
N ASP A 124 3.11 38.12 24.96
CA ASP A 124 2.21 39.26 24.77
C ASP A 124 1.48 39.08 23.44
N ILE A 125 0.16 39.34 23.46
CA ILE A 125 -0.75 38.96 22.37
C ILE A 125 -1.39 40.14 21.64
N GLY A 126 -0.82 41.35 21.84
CA GLY A 126 -1.35 42.55 21.22
C GLY A 126 -2.04 43.41 22.26
N GLY A 127 -2.00 44.72 22.08
CA GLY A 127 -2.65 45.66 22.99
C GLY A 127 -2.07 45.67 24.38
N GLY A 128 -0.79 45.29 24.51
CA GLY A 128 -0.13 45.23 25.82
C GLY A 128 -0.71 44.18 26.76
N GLN A 129 -1.38 43.18 26.19
CA GLN A 129 -1.99 42.10 26.99
C GLN A 129 -1.09 40.89 26.99
N THR A 130 -0.81 40.39 28.19
CA THR A 130 0.00 39.20 28.39
C THR A 130 -0.90 38.01 28.67
N LYS A 131 -0.56 36.86 28.07
CA LYS A 131 -1.28 35.63 28.35
C LYS A 131 -0.30 34.51 28.64
N THR A 132 -0.68 33.59 29.53
N THR A 132 -0.76 33.52 29.37
CA THR A 132 0.09 32.35 29.73
CA THR A 132 0.03 32.38 29.75
C THR A 132 -0.74 31.20 29.19
C THR A 132 -0.68 31.09 29.35
N PHE A 133 -0.06 30.31 28.46
CA PHE A 133 -0.72 29.16 27.79
C PHE A 133 -0.09 27.85 28.21
N ALA A 134 -0.92 26.85 28.47
CA ALA A 134 -0.41 25.49 28.62
C ALA A 134 0.10 25.01 27.24
N PRO A 135 1.05 24.08 27.20
CA PRO A 135 1.46 23.57 25.90
C PRO A 135 0.31 22.98 25.11
N GLU A 136 -0.60 22.28 25.78
CA GLU A 136 -1.77 21.73 25.08
C GLU A 136 -2.68 22.81 24.47
N GLU A 137 -2.68 24.03 25.03
CA GLU A 137 -3.44 25.13 24.42
C GLU A 137 -2.79 25.58 23.11
N ILE A 138 -1.46 25.58 23.05
CA ILE A 138 -0.76 25.93 21.83
C ILE A 138 -0.99 24.85 20.79
N SER A 139 -0.81 23.58 21.19
CA SER A 139 -1.11 22.50 20.30
C SER A 139 -2.54 22.49 19.81
N ALA A 140 -3.47 22.90 20.66
CA ALA A 140 -4.89 22.96 20.26
C ALA A 140 -5.10 23.96 19.13
N MET A 141 -4.38 25.07 19.18
CA MET A 141 -4.45 26.09 18.11
C MET A 141 -3.95 25.51 16.78
N VAL A 142 -2.84 24.75 16.82
CA VAL A 142 -2.33 24.07 15.64
C VAL A 142 -3.34 23.05 15.13
N LEU A 143 -3.93 22.27 16.03
CA LEU A 143 -4.95 21.29 15.63
C LEU A 143 -6.18 21.97 14.99
N THR A 144 -6.58 23.12 15.53
CA THR A 144 -7.71 23.89 14.99
C THR A 144 -7.43 24.28 13.52
N LYS A 145 -6.21 24.73 13.25
CA LYS A 145 -5.80 25.06 11.88
C LYS A 145 -5.86 23.84 10.99
N MET A 146 -5.41 22.69 11.47
CA MET A 146 -5.43 21.48 10.67
C MET A 146 -6.89 21.03 10.41
N LYS A 147 -7.71 21.12 11.44
CA LYS A 147 -9.17 20.86 11.34
C LYS A 147 -9.79 21.73 10.24
N GLU A 148 -9.53 23.03 10.29
CA GLU A 148 -10.06 23.96 9.30
C GLU A 148 -9.57 23.65 7.86
N THR A 149 -8.32 23.26 7.72
CA THR A 149 -7.79 22.85 6.43
C THR A 149 -8.61 21.69 5.86
N ALA A 150 -8.89 20.71 6.71
CA ALA A 150 -9.66 19.54 6.27
C ALA A 150 -11.10 19.88 5.97
N GLU A 151 -11.72 20.71 6.84
CA GLU A 151 -13.12 21.09 6.66
C GLU A 151 -13.34 21.82 5.33
N ALA A 152 -12.37 22.68 4.96
CA ALA A 152 -12.47 23.44 3.71
C ALA A 152 -12.45 22.47 2.53
N TYR A 153 -11.52 21.51 2.56
CA TYR A 153 -11.43 20.51 1.48
C TYR A 153 -12.64 19.58 1.40
N LEU A 154 -13.17 19.19 2.55
CA LEU A 154 -14.27 18.22 2.61
C LEU A 154 -15.62 18.86 2.39
N GLY A 155 -15.71 20.15 2.66
CA GLY A 155 -16.97 20.87 2.60
C GLY A 155 -17.93 20.41 3.69
N LYS A 156 -17.37 20.10 4.86
CA LYS A 156 -18.16 19.66 6.00
C LYS A 156 -17.40 19.80 7.28
N LYS A 157 -18.14 19.73 8.40
CA LYS A 157 -17.56 19.89 9.73
C LYS A 157 -16.86 18.61 10.12
N VAL A 158 -15.75 18.77 10.81
CA VAL A 158 -14.96 17.66 11.33
C VAL A 158 -14.98 17.73 12.87
N THR A 159 -15.33 16.61 13.50
CA THR A 159 -15.44 16.51 14.94
C THR A 159 -14.50 15.47 15.58
N HIS A 160 -13.94 14.56 14.78
CA HIS A 160 -13.17 13.41 15.29
C HIS A 160 -11.89 13.22 14.50
N ALA A 161 -10.84 12.74 15.17
CA ALA A 161 -9.52 12.58 14.54
C ALA A 161 -8.76 11.42 15.11
N VAL A 162 -7.79 10.95 14.33
CA VAL A 162 -6.72 10.08 14.79
C VAL A 162 -5.49 10.98 14.76
N VAL A 163 -4.76 11.05 15.87
CA VAL A 163 -3.57 11.87 15.95
C VAL A 163 -2.36 11.01 16.24
N THR A 164 -1.25 11.33 15.60
CA THR A 164 -0.04 10.58 15.77
C THR A 164 0.90 11.24 16.83
N VAL A 165 1.72 10.41 17.50
CA VAL A 165 2.74 10.85 18.46
C VAL A 165 4.01 10.02 18.29
N PRO A 166 5.15 10.52 18.78
CA PRO A 166 6.36 9.70 18.73
C PRO A 166 6.16 8.41 19.54
N ALA A 167 6.80 7.34 19.10
CA ALA A 167 6.67 6.07 19.75
C ALA A 167 7.10 6.08 21.24
N TYR A 168 8.06 6.96 21.56
CA TYR A 168 8.57 7.13 22.95
C TYR A 168 7.61 7.92 23.87
N PHE A 169 6.57 8.52 23.32
CA PHE A 169 5.66 9.30 24.19
C PHE A 169 5.06 8.38 25.24
N ASN A 170 4.98 8.91 26.46
CA ASN A 170 4.44 8.17 27.59
C ASN A 170 2.93 8.43 27.72
N ASP A 171 2.32 7.81 28.73
CA ASP A 171 0.87 7.96 28.94
C ASP A 171 0.46 9.41 29.09
N ALA A 172 1.23 10.19 29.83
CA ALA A 172 0.88 11.58 30.10
C ALA A 172 0.94 12.40 28.84
N GLN A 173 1.95 12.15 28.00
CA GLN A 173 2.09 12.89 26.77
C GLN A 173 0.98 12.54 25.78
N ARG A 174 0.62 11.27 25.72
CA ARG A 174 -0.51 10.83 24.89
C ARG A 174 -1.84 11.48 25.37
N GLN A 175 -2.11 11.46 26.67
CA GLN A 175 -3.34 12.08 27.17
C GLN A 175 -3.34 13.60 26.92
N ALA A 176 -2.20 14.23 27.09
CA ALA A 176 -2.10 15.68 26.87
C ALA A 176 -2.39 16.05 25.42
N THR A 177 -2.02 15.17 24.51
CA THR A 177 -2.28 15.34 23.07
C THR A 177 -3.80 15.20 22.83
N LYS A 178 -4.44 14.20 23.45
CA LYS A 178 -5.92 14.09 23.39
C LYS A 178 -6.59 15.34 23.95
N ASP A 179 -6.03 15.87 25.05
CA ASP A 179 -6.57 17.07 25.68
C ASP A 179 -6.43 18.31 24.78
N ALA A 180 -5.31 18.46 24.09
CA ALA A 180 -5.17 19.47 23.03
C ALA A 180 -6.31 19.33 22.02
N GLY A 181 -6.61 18.10 21.59
CA GLY A 181 -7.75 17.88 20.71
C GLY A 181 -9.05 18.38 21.28
N THR A 182 -9.34 18.05 22.53
CA THR A 182 -10.58 18.46 23.18
C THR A 182 -10.71 19.98 23.10
N ILE A 183 -9.65 20.70 23.40
CA ILE A 183 -9.70 22.17 23.35
C ILE A 183 -10.04 22.66 21.95
N ALA A 184 -9.56 21.94 20.94
CA ALA A 184 -9.73 22.29 19.53
C ALA A 184 -11.09 21.79 18.95
N GLY A 185 -11.92 21.17 19.78
CA GLY A 185 -13.22 20.65 19.32
C GLY A 185 -13.10 19.33 18.57
N LEU A 186 -12.06 18.57 18.90
CA LEU A 186 -11.81 17.29 18.28
C LEU A 186 -11.79 16.19 19.33
N ASN A 187 -12.53 15.13 19.06
CA ASN A 187 -12.46 13.93 19.82
C ASN A 187 -11.36 13.11 19.19
N VAL A 188 -10.21 13.06 19.83
CA VAL A 188 -9.12 12.25 19.35
C VAL A 188 -9.39 10.81 19.76
N MET A 189 -9.91 10.05 18.79
CA MET A 189 -10.40 8.68 19.03
C MET A 189 -9.28 7.69 19.22
N ARG A 190 -8.18 7.95 18.58
CA ARG A 190 -6.98 7.10 18.68
C ARG A 190 -5.74 7.96 18.67
N ILE A 191 -4.77 7.60 19.50
CA ILE A 191 -3.40 8.12 19.43
C ILE A 191 -2.58 6.97 18.89
N ILE A 192 -1.90 7.18 17.77
N ILE A 192 -1.89 7.21 17.77
CA ILE A 192 -1.07 6.13 17.21
CA ILE A 192 -1.12 6.21 17.05
C ILE A 192 0.35 6.61 16.96
C ILE A 192 0.35 6.63 17.07
N ASN A 193 1.25 5.66 16.97
CA ASN A 193 2.67 5.94 16.85
C ASN A 193 3.06 6.36 15.44
N GLU A 194 3.87 7.42 15.38
CA GLU A 194 4.37 7.96 14.11
C GLU A 194 5.00 6.91 13.16
N PRO A 195 5.98 6.11 13.65
CA PRO A 195 6.62 5.19 12.71
C PRO A 195 5.63 4.14 12.17
N THR A 196 4.72 3.70 13.03
CA THR A 196 3.69 2.76 12.64
C THR A 196 2.79 3.36 11.57
N ALA A 197 2.39 4.63 11.77
CA ALA A 197 1.57 5.32 10.79
C ALA A 197 2.28 5.36 9.42
N ALA A 198 3.58 5.65 9.44
CA ALA A 198 4.36 5.66 8.19
C ALA A 198 4.35 4.32 7.50
N ALA A 199 4.51 3.24 8.25
CA ALA A 199 4.47 1.88 7.70
C ALA A 199 3.10 1.55 7.11
N ILE A 200 2.05 1.98 7.81
CA ILE A 200 0.65 1.79 7.34
C ILE A 200 0.40 2.51 6.02
N ALA A 201 1.00 3.68 5.84
CA ALA A 201 0.88 4.40 4.55
C ALA A 201 1.33 3.54 3.36
N TYR A 202 2.36 2.75 3.57
CA TYR A 202 2.91 1.87 2.55
C TYR A 202 2.18 0.52 2.44
N GLY A 203 1.11 0.33 3.22
CA GLY A 203 0.29 -0.87 3.14
C GLY A 203 0.89 -2.06 3.87
N LEU A 204 1.89 -1.80 4.71
CA LEU A 204 2.66 -2.90 5.30
C LEU A 204 1.84 -3.63 6.37
N ASP A 205 0.77 -2.99 6.84
CA ASP A 205 -0.19 -3.65 7.75
C ASP A 205 -1.12 -4.68 7.07
N LYS A 206 -1.19 -4.66 5.73
CA LYS A 206 -2.12 -5.50 4.97
C LYS A 206 -1.38 -6.60 4.21
N ARG A 207 -0.53 -7.32 4.94
CA ARG A 207 0.34 -8.32 4.36
C ARG A 207 0.38 -9.52 5.31
N GLU A 208 0.17 -10.71 4.76
CA GLU A 208 0.34 -11.91 5.55
C GLU A 208 1.85 -12.10 5.82
N GLY A 209 2.18 -12.66 6.98
CA GLY A 209 3.59 -12.92 7.34
C GLY A 209 4.18 -11.89 8.30
N GLU A 210 5.50 -11.98 8.46
CA GLU A 210 6.28 -11.18 9.41
C GLU A 210 7.44 -10.50 8.71
N LYS A 211 7.65 -9.22 9.03
CA LYS A 211 8.73 -8.43 8.47
C LYS A 211 9.30 -7.47 9.53
N ASN A 212 10.57 -7.09 9.35
CA ASN A 212 11.25 -6.06 10.16
C ASN A 212 11.36 -4.77 9.35
N ILE A 213 10.88 -3.67 9.93
N ILE A 213 10.87 -3.68 9.93
CA ILE A 213 10.81 -2.38 9.24
CA ILE A 213 10.82 -2.38 9.28
C ILE A 213 11.60 -1.32 10.01
C ILE A 213 11.72 -1.42 10.07
N LEU A 214 12.61 -0.72 9.36
CA LEU A 214 13.41 0.34 9.97
C LEU A 214 12.84 1.65 9.49
N VAL A 215 12.33 2.45 10.41
CA VAL A 215 11.82 3.77 10.09
C VAL A 215 12.86 4.82 10.45
N PHE A 216 13.27 5.61 9.46
CA PHE A 216 14.31 6.61 9.61
C PHE A 216 13.62 7.97 9.42
N ASP A 217 13.42 8.69 10.52
CA ASP A 217 12.57 9.87 10.55
C ASP A 217 13.35 11.12 10.94
N LEU A 218 13.74 11.89 9.94
CA LEU A 218 14.49 13.10 10.17
C LEU A 218 13.58 14.28 9.87
N GLY A 219 13.04 14.89 10.93
CA GLY A 219 12.09 15.97 10.81
C GLY A 219 12.75 17.31 10.89
N GLY A 220 11.98 18.33 11.16
CA GLY A 220 12.51 19.66 11.26
C GLY A 220 13.37 19.96 12.49
N GLY A 221 13.06 19.26 13.59
CA GLY A 221 13.72 19.48 14.85
C GLY A 221 14.23 18.23 15.57
N THR A 222 13.79 17.05 15.13
CA THR A 222 14.08 15.80 15.83
C THR A 222 14.39 14.70 14.85
N PHE A 223 15.22 13.77 15.32
CA PHE A 223 15.60 12.62 14.54
C PHE A 223 15.20 11.39 15.34
N ASP A 224 14.29 10.60 14.77
CA ASP A 224 13.83 9.34 15.40
C ASP A 224 14.08 8.13 14.50
N VAL A 225 14.73 7.12 15.03
CA VAL A 225 14.88 5.84 14.33
C VAL A 225 14.12 4.82 15.14
N SER A 226 13.32 3.99 14.46
CA SER A 226 12.49 2.98 15.12
C SER A 226 12.58 1.70 14.35
N LEU A 227 12.71 0.60 15.09
CA LEU A 227 12.63 -0.75 14.49
C LEU A 227 11.28 -1.30 14.86
N LEU A 228 10.46 -1.58 13.84
CA LEU A 228 9.16 -2.20 14.01
C LEU A 228 9.16 -3.61 13.47
N THR A 229 8.49 -4.52 14.16
CA THR A 229 8.10 -5.79 13.52
C THR A 229 6.65 -5.69 13.14
N ILE A 230 6.31 -6.32 12.03
CA ILE A 230 4.94 -6.41 11.60
C ILE A 230 4.64 -7.90 11.42
N ASP A 231 3.54 -8.34 12.05
CA ASP A 231 3.21 -9.76 12.09
C ASP A 231 1.72 -9.83 11.85
N ASN A 232 1.35 -10.18 10.64
CA ASN A 232 -0.07 -10.29 10.26
C ASN A 232 -0.93 -9.09 10.74
N GLY A 233 -0.49 -7.89 10.40
CA GLY A 233 -1.22 -6.66 10.71
C GLY A 233 -1.01 -6.10 12.10
N VAL A 234 -0.22 -6.77 12.95
CA VAL A 234 0.08 -6.24 14.28
C VAL A 234 1.52 -5.75 14.35
N PHE A 235 1.67 -4.47 14.72
CA PHE A 235 2.98 -3.83 14.92
C PHE A 235 3.49 -3.94 16.34
N GLU A 236 4.80 -4.17 16.49
CA GLU A 236 5.51 -3.97 17.76
C GLU A 236 6.67 -2.98 17.52
N VAL A 237 6.77 -1.95 18.34
CA VAL A 237 7.93 -1.10 18.35
C VAL A 237 8.98 -1.76 19.26
N VAL A 238 10.04 -2.27 18.65
CA VAL A 238 11.00 -3.08 19.35
C VAL A 238 12.08 -2.22 20.01
N ALA A 239 12.51 -1.18 19.31
CA ALA A 239 13.54 -0.31 19.81
C ALA A 239 13.47 1.02 19.10
N THR A 240 13.89 2.06 19.82
CA THR A 240 13.93 3.40 19.30
C THR A 240 15.22 4.07 19.70
N ASN A 241 15.71 4.97 18.84
CA ASN A 241 16.87 5.79 19.14
C ASN A 241 16.75 7.09 18.32
N GLY A 242 17.81 7.86 18.25
CA GLY A 242 17.81 9.08 17.51
C GLY A 242 18.50 10.19 18.28
N ASP A 243 18.15 11.42 17.92
CA ASP A 243 18.67 12.61 18.55
C ASP A 243 17.53 13.58 18.64
N THR A 244 17.15 13.91 19.88
CA THR A 244 15.99 14.76 20.12
C THR A 244 16.18 16.21 19.63
N HIS A 245 17.43 16.63 19.37
CA HIS A 245 17.72 17.98 18.91
C HIS A 245 18.58 18.02 17.65
N LEU A 246 18.21 17.18 16.68
CA LEU A 246 18.80 17.16 15.35
C LEU A 246 17.66 17.12 14.35
N GLY A 247 17.62 18.11 13.48
CA GLY A 247 16.66 18.13 12.38
C GLY A 247 17.02 19.13 11.31
N GLY A 248 16.11 19.31 10.36
CA GLY A 248 16.34 20.18 9.24
C GLY A 248 16.69 21.61 9.62
N GLU A 249 16.16 22.07 10.74
CA GLU A 249 16.45 23.44 11.20
C GLU A 249 17.90 23.60 11.53
N ASP A 250 18.54 22.52 11.94
CA ASP A 250 19.94 22.59 12.29
C ASP A 250 20.79 22.74 11.04
N PHE A 251 20.36 22.16 9.93
CA PHE A 251 21.08 22.29 8.67
C PHE A 251 20.97 23.71 8.19
N ASP A 252 19.78 24.31 8.38
CA ASP A 252 19.59 25.71 8.06
C ASP A 252 20.52 26.60 8.87
N GLN A 253 20.64 26.33 10.17
CA GLN A 253 21.49 27.14 11.04
C GLN A 253 22.96 27.10 10.61
N ARG A 254 23.42 25.95 10.14
CA ARG A 254 24.81 25.86 9.64
C ARG A 254 25.03 26.77 8.43
N VAL A 255 24.01 26.87 7.59
CA VAL A 255 24.08 27.70 6.42
C VAL A 255 23.99 29.17 6.85
N MET A 256 23.10 29.45 7.81
N MET A 256 23.13 29.47 7.81
CA MET A 256 22.97 30.80 8.43
CA MET A 256 23.02 30.84 8.30
C MET A 256 24.31 31.29 8.94
C MET A 256 24.32 31.32 8.95
N GLU A 257 24.98 30.47 9.73
CA GLU A 257 26.26 30.84 10.34
C GLU A 257 27.31 31.12 9.26
N HIS A 258 27.33 30.28 8.24
CA HIS A 258 28.21 30.47 7.08
C HIS A 258 27.99 31.84 6.42
N PHE A 259 26.75 32.21 6.18
CA PHE A 259 26.50 33.48 5.48
C PHE A 259 26.61 34.71 6.37
N ILE A 260 26.31 34.56 7.66
CA ILE A 260 26.54 35.65 8.60
C ILE A 260 28.05 35.95 8.68
N LYS A 261 28.85 34.90 8.75
CA LYS A 261 30.32 35.04 8.77
C LYS A 261 30.82 35.69 7.47
N LEU A 262 30.32 35.20 6.33
CA LEU A 262 30.73 35.72 5.01
C LEU A 262 30.38 37.20 4.88
N TYR A 263 29.19 37.57 5.34
CA TYR A 263 28.74 38.95 5.23
C TYR A 263 29.60 39.88 6.08
N LYS A 264 29.97 39.44 7.27
CA LYS A 264 30.84 40.23 8.14
C LYS A 264 32.23 40.38 7.53
N LYS A 265 32.72 39.32 6.88
CA LYS A 265 34.02 39.39 6.19
C LYS A 265 33.99 40.38 5.03
N LYS A 266 32.94 40.31 4.21
CA LYS A 266 32.82 41.15 3.03
C LYS A 266 32.50 42.61 3.35
N THR A 267 31.66 42.85 4.37
CA THR A 267 31.12 44.20 4.65
C THR A 267 31.53 44.81 6.00
N GLY A 268 32.03 43.96 6.92
CA GLY A 268 32.37 44.40 8.27
C GLY A 268 31.19 44.46 9.23
N LYS A 269 29.98 44.16 8.73
CA LYS A 269 28.75 44.28 9.53
C LYS A 269 28.39 42.92 10.13
N ASP A 270 27.96 42.93 11.39
CA ASP A 270 27.42 41.76 12.06
C ASP A 270 25.90 41.93 12.13
N VAL A 271 25.20 41.13 11.33
CA VAL A 271 23.76 41.30 11.16
C VAL A 271 22.92 40.73 12.31
N ARG A 272 23.54 39.97 13.21
CA ARG A 272 22.83 39.39 14.34
C ARG A 272 22.15 40.45 15.22
N LYS A 273 22.59 41.70 15.09
CA LYS A 273 21.99 42.85 15.79
C LYS A 273 20.51 43.15 15.39
N ASP A 274 20.10 42.71 14.20
CA ASP A 274 18.79 43.04 13.64
C ASP A 274 17.94 41.77 13.49
N ASN A 275 17.00 41.55 14.41
CA ASN A 275 16.12 40.36 14.37
C ASN A 275 15.51 40.11 12.99
N ARG A 276 15.02 41.19 12.36
CA ARG A 276 14.32 41.08 11.08
C ARG A 276 15.25 40.65 9.95
N ALA A 277 16.51 41.10 10.00
CA ALA A 277 17.52 40.68 9.02
C ALA A 277 17.81 39.19 9.14
N VAL A 278 17.95 38.70 10.37
CA VAL A 278 18.17 37.27 10.57
C VAL A 278 16.96 36.45 10.07
N GLN A 279 15.75 36.94 10.35
CA GLN A 279 14.53 36.27 9.91
C GLN A 279 14.45 36.20 8.37
N LYS A 280 14.90 37.27 7.71
CA LYS A 280 14.89 37.31 6.24
C LYS A 280 15.86 36.28 5.69
N LEU A 281 17.05 36.24 6.26
CA LEU A 281 18.05 35.32 5.83
C LEU A 281 17.59 33.89 6.09
N ARG A 282 17.03 33.63 7.27
CA ARG A 282 16.47 32.30 7.59
C ARG A 282 15.45 31.85 6.54
N ARG A 283 14.54 32.74 6.15
CA ARG A 283 13.48 32.38 5.18
C ARG A 283 14.09 31.98 3.84
N GLU A 284 15.08 32.74 3.40
CA GLU A 284 15.72 32.47 2.12
C GLU A 284 16.60 31.23 2.18
N VAL A 285 17.24 30.99 3.32
CA VAL A 285 18.03 29.77 3.52
C VAL A 285 17.13 28.52 3.46
N GLU A 286 15.99 28.58 4.09
CA GLU A 286 15.05 27.44 4.07
C GLU A 286 14.61 27.14 2.61
N LYS A 287 14.32 28.19 1.85
CA LYS A 287 13.94 28.05 0.45
C LYS A 287 15.08 27.49 -0.38
N ALA A 288 16.28 28.03 -0.17
CA ALA A 288 17.48 27.57 -0.90
C ALA A 288 17.79 26.09 -0.60
N LYS A 289 17.70 25.71 0.68
CA LYS A 289 17.94 24.33 1.08
C LYS A 289 16.99 23.38 0.36
N ARG A 290 15.72 23.73 0.28
CA ARG A 290 14.74 22.88 -0.42
C ARG A 290 15.09 22.78 -1.90
N ALA A 291 15.46 23.92 -2.51
CA ALA A 291 15.84 23.97 -3.93
C ALA A 291 17.01 23.04 -4.21
N LEU A 292 17.95 22.98 -3.28
CA LEU A 292 19.16 22.15 -3.43
C LEU A 292 18.90 20.64 -3.33
N SER A 293 17.67 20.24 -3.00
CA SER A 293 17.31 18.82 -3.12
C SER A 293 17.04 18.40 -4.55
N SER A 294 16.81 19.36 -5.45
CA SER A 294 16.58 19.06 -6.87
C SER A 294 17.45 19.84 -7.85
N GLN A 295 18.33 20.71 -7.33
CA GLN A 295 19.28 21.51 -8.15
C GLN A 295 20.64 21.48 -7.48
N HIS A 296 21.69 21.80 -8.24
CA HIS A 296 23.06 21.78 -7.68
C HIS A 296 23.54 23.12 -7.13
N GLN A 297 22.77 24.17 -7.33
CA GLN A 297 23.05 25.51 -6.78
C GLN A 297 21.75 26.29 -6.62
N ALA A 298 21.75 27.30 -5.74
CA ALA A 298 20.56 28.11 -5.48
C ALA A 298 21.01 29.52 -5.11
N ARG A 299 20.27 30.52 -5.55
CA ARG A 299 20.57 31.92 -5.22
C ARG A 299 19.74 32.39 -4.02
N ILE A 300 20.40 33.10 -3.12
CA ILE A 300 19.77 33.70 -1.98
C ILE A 300 19.90 35.18 -2.17
N GLU A 301 18.75 35.85 -2.27
CA GLU A 301 18.72 37.28 -2.57
C GLU A 301 17.79 37.98 -1.59
N ILE A 302 18.28 39.05 -0.94
CA ILE A 302 17.47 39.80 0.01
C ILE A 302 17.67 41.27 -0.20
N GLU A 303 16.59 41.94 -0.54
CA GLU A 303 16.60 43.37 -0.71
C GLU A 303 16.62 44.01 0.69
N SER A 304 17.40 45.07 0.86
CA SER A 304 17.45 45.80 2.12
C SER A 304 17.62 44.84 3.29
N PHE A 305 18.65 44.02 3.20
CA PHE A 305 18.98 43.02 4.19
C PHE A 305 19.39 43.65 5.51
N TYR A 306 20.35 44.56 5.46
CA TYR A 306 20.88 45.14 6.68
C TYR A 306 21.37 46.55 6.43
N GLU A 307 20.94 47.49 7.26
CA GLU A 307 21.29 48.89 7.12
C GLU A 307 21.12 49.38 5.67
N GLY A 308 20.03 48.96 5.04
CA GLY A 308 19.69 49.39 3.69
C GLY A 308 20.46 48.75 2.53
N GLU A 309 21.35 47.80 2.82
CA GLU A 309 22.16 47.16 1.78
C GLU A 309 21.58 45.79 1.39
N ASP A 310 21.70 45.45 0.11
CA ASP A 310 21.15 44.22 -0.43
C ASP A 310 22.11 43.08 -0.23
N PHE A 311 21.56 41.86 -0.15
CA PHE A 311 22.33 40.63 -0.01
C PHE A 311 22.06 39.77 -1.24
N SER A 312 23.10 39.22 -1.84
CA SER A 312 22.93 38.28 -2.96
C SER A 312 24.10 37.33 -3.01
N GLU A 313 23.84 36.06 -2.74
CA GLU A 313 24.88 35.03 -2.73
C GLU A 313 24.32 33.75 -3.29
N THR A 314 25.19 32.91 -3.83
CA THR A 314 24.80 31.59 -4.24
C THR A 314 25.32 30.55 -3.25
N LEU A 315 24.55 29.48 -3.10
CA LEU A 315 24.96 28.32 -2.29
C LEU A 315 24.91 27.10 -3.18
N THR A 316 26.02 26.40 -3.31
CA THR A 316 26.05 25.13 -4.07
C THR A 316 25.64 23.97 -3.18
N ARG A 317 25.14 22.91 -3.79
CA ARG A 317 24.85 21.70 -3.04
C ARG A 317 26.11 21.12 -2.36
N ALA A 318 27.25 21.21 -3.02
CA ALA A 318 28.52 20.73 -2.42
C ALA A 318 28.83 21.48 -1.12
N LYS A 319 28.63 22.79 -1.12
CA LYS A 319 28.88 23.62 0.08
C LYS A 319 27.85 23.31 1.17
N PHE A 320 26.59 23.18 0.79
CA PHE A 320 25.54 22.80 1.73
C PHE A 320 25.93 21.48 2.43
N GLU A 321 26.32 20.49 1.62
CA GLU A 321 26.73 19.21 2.16
C GLU A 321 27.97 19.34 3.07
N GLU A 322 28.96 20.14 2.65
CA GLU A 322 30.19 20.31 3.43
C GLU A 322 29.90 20.91 4.79
N LEU A 323 29.06 21.94 4.80
CA LEU A 323 28.71 22.62 6.05
C LEU A 323 28.01 21.72 7.05
N ASN A 324 27.38 20.65 6.55
CA ASN A 324 26.55 19.77 7.38
C ASN A 324 27.01 18.33 7.45
N MET A 325 28.16 18.01 6.85
CA MET A 325 28.50 16.61 6.68
C MET A 325 28.59 15.87 8.02
N ASP A 326 29.12 16.52 9.06
CA ASP A 326 29.18 15.90 10.40
C ASP A 326 27.79 15.58 10.95
N LEU A 327 26.84 16.48 10.75
CA LEU A 327 25.48 16.24 11.21
C LEU A 327 24.83 15.10 10.42
N PHE A 328 25.05 15.09 9.10
CA PHE A 328 24.46 14.03 8.26
C PHE A 328 25.04 12.68 8.69
N ARG A 329 26.35 12.61 8.88
CA ARG A 329 26.98 11.34 9.27
C ARG A 329 26.56 10.85 10.66
N SER A 330 26.23 11.79 11.54
CA SER A 330 25.82 11.44 12.90
C SER A 330 24.52 10.64 12.96
N THR A 331 23.74 10.65 11.87
CA THR A 331 22.47 9.93 11.86
C THR A 331 22.65 8.42 11.79
N MET A 332 23.85 7.95 11.49
CA MET A 332 24.08 6.51 11.31
C MET A 332 24.21 5.76 12.62
N LYS A 333 24.87 6.35 13.62
CA LYS A 333 25.10 5.63 14.89
C LYS A 333 23.77 5.20 15.57
N PRO A 334 22.75 6.10 15.63
CA PRO A 334 21.46 5.66 16.16
C PRO A 334 20.84 4.47 15.41
N VAL A 335 21.09 4.36 14.11
CA VAL A 335 20.58 3.22 13.35
C VAL A 335 21.29 1.95 13.82
N GLN A 336 22.61 2.02 13.96
CA GLN A 336 23.35 0.85 14.41
C GLN A 336 22.90 0.46 15.83
N LYS A 337 22.63 1.44 16.68
CA LYS A 337 22.17 1.13 18.05
C LYS A 337 20.81 0.44 18.05
N VAL A 338 19.92 0.87 17.16
CA VAL A 338 18.56 0.31 17.11
C VAL A 338 18.64 -1.14 16.66
N LEU A 339 19.51 -1.41 15.69
CA LEU A 339 19.72 -2.79 15.23
C LEU A 339 20.23 -3.66 16.36
N GLU A 340 21.23 -3.16 17.09
CA GLU A 340 21.78 -3.90 18.24
C GLU A 340 20.72 -4.19 19.28
N ASP A 341 19.93 -3.17 19.65
CA ASP A 341 18.88 -3.36 20.65
C ASP A 341 17.73 -4.30 20.19
N SER A 342 17.56 -4.42 18.87
CA SER A 342 16.56 -5.31 18.29
C SER A 342 17.11 -6.71 18.03
N ASP A 343 18.40 -6.91 18.31
CA ASP A 343 19.09 -8.15 18.00
C ASP A 343 18.97 -8.52 16.53
N LEU A 344 19.20 -7.53 15.67
CA LEU A 344 19.12 -7.68 14.22
C LEU A 344 20.40 -7.21 13.55
N LYS A 345 20.67 -7.78 12.38
CA LYS A 345 21.74 -7.30 11.51
C LYS A 345 21.11 -6.48 10.38
N LYS A 346 21.94 -5.73 9.66
CA LYS A 346 21.49 -4.94 8.50
C LYS A 346 20.66 -5.77 7.53
N SER A 347 21.08 -7.02 7.30
CA SER A 347 20.43 -7.88 6.32
C SER A 347 19.07 -8.41 6.77
N ASP A 348 18.71 -8.20 8.04
CA ASP A 348 17.40 -8.62 8.55
C ASP A 348 16.32 -7.58 8.26
N ILE A 349 16.74 -6.38 7.84
CA ILE A 349 15.80 -5.31 7.57
C ILE A 349 15.08 -5.55 6.22
N ASP A 350 13.77 -5.70 6.28
CA ASP A 350 12.98 -5.98 5.07
C ASP A 350 12.59 -4.71 4.33
N GLU A 351 12.34 -3.64 5.07
CA GLU A 351 11.98 -2.37 4.49
C GLU A 351 12.57 -1.23 5.27
N ILE A 352 13.01 -0.21 4.55
CA ILE A 352 13.48 1.04 5.14
C ILE A 352 12.48 2.11 4.72
N VAL A 353 11.85 2.77 5.71
CA VAL A 353 10.84 3.79 5.43
C VAL A 353 11.40 5.14 5.84
N LEU A 354 11.53 6.05 4.88
CA LEU A 354 12.03 7.42 5.12
C LEU A 354 10.87 8.35 5.46
N VAL A 355 11.02 9.10 6.55
CA VAL A 355 10.04 10.05 7.02
C VAL A 355 10.73 11.38 7.31
N GLY A 356 10.04 12.45 7.01
CA GLY A 356 10.57 13.82 7.18
C GLY A 356 11.16 14.39 5.90
N GLY A 357 10.92 15.68 5.62
CA GLY A 357 11.42 16.32 4.40
C GLY A 357 12.94 16.29 4.25
N SER A 358 13.64 16.29 5.38
CA SER A 358 15.11 16.22 5.37
C SER A 358 15.64 14.92 4.72
N THR A 359 14.82 13.85 4.71
CA THR A 359 15.21 12.65 3.98
C THR A 359 15.09 12.82 2.45
N ARG A 360 14.56 13.96 1.99
CA ARG A 360 14.66 14.34 0.54
C ARG A 360 16.09 14.81 0.11
N ILE A 361 16.93 15.17 1.08
CA ILE A 361 18.26 15.63 0.82
C ILE A 361 19.04 14.49 0.18
N PRO A 362 19.51 14.67 -1.07
CA PRO A 362 20.20 13.56 -1.74
C PRO A 362 21.28 12.91 -0.89
N LYS A 363 22.10 13.71 -0.20
CA LYS A 363 23.16 13.14 0.60
C LYS A 363 22.66 12.22 1.74
N ILE A 364 21.52 12.55 2.36
CA ILE A 364 20.95 11.71 3.43
C ILE A 364 20.50 10.37 2.82
N GLN A 365 19.79 10.44 1.70
CA GLN A 365 19.36 9.20 0.99
C GLN A 365 20.57 8.32 0.66
N GLN A 366 21.62 8.94 0.13
CA GLN A 366 22.86 8.23 -0.20
C GLN A 366 23.45 7.53 1.01
N LEU A 367 23.56 8.25 2.12
CA LEU A 367 24.13 7.70 3.36
C LEU A 367 23.32 6.52 3.88
N VAL A 368 22.00 6.62 3.79
CA VAL A 368 21.14 5.53 4.27
C VAL A 368 21.31 4.28 3.39
N LYS A 369 21.25 4.50 2.08
CA LYS A 369 21.44 3.43 1.10
C LYS A 369 22.78 2.73 1.30
N GLU A 370 23.82 3.52 1.51
CA GLU A 370 25.16 2.96 1.72
C GLU A 370 25.27 2.17 3.03
N PHE A 371 24.66 2.69 4.10
CA PHE A 371 24.63 2.00 5.39
C PHE A 371 24.02 0.59 5.24
N PHE A 372 22.98 0.48 4.41
CA PHE A 372 22.30 -0.79 4.15
C PHE A 372 22.81 -1.47 2.86
N ASN A 373 24.06 -1.19 2.53
CA ASN A 373 24.75 -1.93 1.48
C ASN A 373 24.01 -1.98 0.15
N GLY A 374 23.40 -0.86 -0.23
CA GLY A 374 22.79 -0.73 -1.55
C GLY A 374 21.27 -0.84 -1.59
N LYS A 375 20.65 -1.23 -0.47
CA LYS A 375 19.19 -1.34 -0.39
C LYS A 375 18.55 0.04 -0.51
N GLU A 376 17.63 0.20 -1.47
CA GLU A 376 16.98 1.50 -1.72
C GLU A 376 15.94 1.81 -0.64
N PRO A 377 16.10 2.94 0.09
CA PRO A 377 15.10 3.31 1.10
C PRO A 377 13.85 3.83 0.43
N SER A 378 12.68 3.58 1.03
CA SER A 378 11.38 3.94 0.42
C SER A 378 11.04 5.37 0.65
N ARG A 379 10.81 6.08 -0.44
CA ARG A 379 10.33 7.48 -0.38
C ARG A 379 9.23 7.72 -1.43
N GLY A 380 8.57 6.64 -1.87
CA GLY A 380 7.53 6.71 -2.92
C GLY A 380 6.26 7.46 -2.49
N ILE A 381 6.04 7.49 -1.19
CA ILE A 381 5.07 8.40 -0.57
C ILE A 381 5.90 9.54 -0.01
N ASN A 382 5.49 10.77 -0.28
CA ASN A 382 6.24 11.94 0.19
C ASN A 382 6.58 11.74 1.68
N PRO A 383 7.89 11.77 2.03
CA PRO A 383 8.25 11.53 3.43
C PRO A 383 7.65 12.51 4.45
N ASP A 384 7.31 13.73 4.03
CA ASP A 384 6.67 14.69 4.91
C ASP A 384 5.21 14.42 5.13
N GLU A 385 4.64 13.52 4.34
CA GLU A 385 3.19 13.25 4.36
C GLU A 385 2.84 11.84 4.84
N ALA A 386 3.85 10.98 4.97
CA ALA A 386 3.60 9.53 5.19
C ALA A 386 2.91 9.24 6.52
N VAL A 387 3.31 9.97 7.53
CA VAL A 387 2.71 9.80 8.88
C VAL A 387 1.20 10.19 8.82
N ALA A 388 0.88 11.35 8.26
CA ALA A 388 -0.53 11.73 8.13
C ALA A 388 -1.31 10.75 7.25
N TYR A 389 -0.64 10.22 6.23
CA TYR A 389 -1.27 9.29 5.31
C TYR A 389 -1.73 8.03 6.06
N GLY A 390 -0.84 7.48 6.88
CA GLY A 390 -1.18 6.30 7.70
C GLY A 390 -2.25 6.62 8.73
N ALA A 391 -2.17 7.81 9.35
CA ALA A 391 -3.22 8.22 10.27
C ALA A 391 -4.58 8.25 9.57
N ALA A 392 -4.59 8.75 8.32
CA ALA A 392 -5.83 8.86 7.56
C ALA A 392 -6.39 7.46 7.17
N VAL A 393 -5.51 6.52 6.88
CA VAL A 393 -5.92 5.13 6.60
C VAL A 393 -6.67 4.57 7.81
N GLN A 394 -6.10 4.74 8.99
N GLN A 394 -6.11 4.77 8.99
CA GLN A 394 -6.71 4.28 10.23
CA GLN A 394 -6.70 4.27 10.23
C GLN A 394 -8.01 5.01 10.49
C GLN A 394 -7.99 5.02 10.55
N ALA A 395 -8.00 6.33 10.28
CA ALA A 395 -9.22 7.14 10.46
C ALA A 395 -10.34 6.70 9.54
N GLY A 396 -10.03 6.24 8.32
CA GLY A 396 -11.05 5.79 7.37
C GLY A 396 -11.95 4.67 7.88
N VAL A 397 -11.37 3.75 8.64
CA VAL A 397 -12.12 2.65 9.22
C VAL A 397 -13.04 3.08 10.37
N LEU A 398 -12.75 4.23 10.98
CA LEU A 398 -13.57 4.72 12.09
C LEU A 398 -14.72 5.63 11.63
N SER A 399 -14.64 6.14 10.41
CA SER A 399 -15.66 7.06 9.89
C SER A 399 -17.04 6.43 9.79
N GLY A 400 -18.06 7.24 10.04
CA GLY A 400 -19.45 6.81 9.95
C GLY A 400 -20.12 7.43 8.74
N ASP B 19 -27.78 6.66 -9.09
CA ASP B 19 -27.14 6.09 -7.86
C ASP B 19 -26.50 4.73 -8.20
N VAL B 20 -25.16 4.67 -8.14
CA VAL B 20 -24.46 3.44 -8.42
C VAL B 20 -24.39 2.51 -7.22
N GLY B 21 -24.88 2.98 -6.06
CA GLY B 21 -24.84 2.20 -4.85
C GLY B 21 -23.42 1.89 -4.43
N THR B 22 -23.24 0.73 -3.81
CA THR B 22 -21.92 0.20 -3.52
C THR B 22 -21.41 -0.64 -4.72
N VAL B 23 -20.41 -0.13 -5.40
CA VAL B 23 -19.84 -0.80 -6.56
C VAL B 23 -18.94 -1.97 -6.07
N VAL B 24 -19.06 -3.12 -6.70
CA VAL B 24 -18.21 -4.28 -6.39
C VAL B 24 -17.10 -4.45 -7.41
N GLY B 25 -16.01 -5.08 -6.97
CA GLY B 25 -14.94 -5.44 -7.86
C GLY B 25 -14.87 -6.94 -8.02
N ILE B 26 -14.89 -7.41 -9.26
CA ILE B 26 -14.95 -8.84 -9.55
C ILE B 26 -13.84 -9.26 -10.50
N ASP B 27 -13.06 -10.23 -10.05
CA ASP B 27 -12.16 -11.04 -10.87
C ASP B 27 -12.97 -12.21 -11.42
N LEU B 28 -13.31 -12.13 -12.71
CA LEU B 28 -14.05 -13.17 -13.40
C LEU B 28 -13.00 -14.06 -14.03
N GLY B 29 -12.61 -15.11 -13.31
CA GLY B 29 -11.46 -15.91 -13.67
C GLY B 29 -11.74 -17.12 -14.54
N THR B 30 -10.71 -17.60 -15.19
CA THR B 30 -10.89 -18.77 -16.06
C THR B 30 -11.36 -19.97 -15.23
N THR B 31 -10.71 -20.19 -14.09
CA THR B 31 -11.04 -21.32 -13.22
C THR B 31 -11.65 -20.87 -11.86
N TYR B 32 -11.16 -19.73 -11.29
CA TYR B 32 -11.66 -19.21 -10.03
C TYR B 32 -11.93 -17.74 -10.12
N SER B 33 -13.07 -17.33 -9.54
CA SER B 33 -13.50 -15.93 -9.47
C SER B 33 -13.53 -15.45 -8.01
N CYS B 34 -13.52 -14.14 -7.84
CA CYS B 34 -13.38 -13.51 -6.53
C CYS B 34 -14.06 -12.14 -6.57
N VAL B 35 -14.70 -11.76 -5.45
CA VAL B 35 -15.39 -10.48 -5.37
C VAL B 35 -14.99 -9.75 -4.12
N GLY B 36 -14.79 -8.43 -4.25
CA GLY B 36 -14.46 -7.59 -3.15
C GLY B 36 -15.23 -6.30 -3.21
N VAL B 37 -15.31 -5.61 -2.07
N VAL B 37 -15.17 -5.55 -2.12
CA VAL B 37 -15.94 -4.28 -1.98
CA VAL B 37 -15.91 -4.33 -1.98
C VAL B 37 -15.08 -3.40 -1.12
C VAL B 37 -15.26 -3.40 -0.95
N PHE B 38 -15.27 -2.10 -1.24
CA PHE B 38 -14.70 -1.14 -0.34
C PHE B 38 -15.83 -0.74 0.62
N LYS B 39 -15.64 -1.08 1.90
CA LYS B 39 -16.65 -0.84 2.92
C LYS B 39 -15.98 -0.42 4.21
N ASN B 40 -16.53 0.61 4.84
CA ASN B 40 -15.99 1.12 6.10
C ASN B 40 -14.49 1.36 6.03
N GLY B 41 -14.08 2.01 4.94
CA GLY B 41 -12.73 2.49 4.80
C GLY B 41 -11.65 1.56 4.37
N ARG B 42 -12.00 0.35 3.93
N ARG B 42 -12.03 0.36 3.90
CA ARG B 42 -11.02 -0.56 3.35
CA ARG B 42 -11.06 -0.65 3.45
C ARG B 42 -11.67 -1.62 2.47
C ARG B 42 -11.69 -1.64 2.48
N VAL B 43 -10.84 -2.33 1.71
CA VAL B 43 -11.29 -3.41 0.86
C VAL B 43 -11.53 -4.68 1.70
N GLU B 44 -12.69 -5.28 1.46
CA GLU B 44 -13.10 -6.55 2.05
C GLU B 44 -13.32 -7.53 0.91
N ILE B 45 -12.64 -8.66 0.98
CA ILE B 45 -12.89 -9.76 0.05
C ILE B 45 -14.00 -10.63 0.68
N ILE B 46 -15.01 -10.94 -0.13
CA ILE B 46 -16.24 -11.50 0.40
C ILE B 46 -16.30 -13.00 0.23
N ALA B 47 -16.59 -13.72 1.32
CA ALA B 47 -16.74 -15.17 1.23
C ALA B 47 -18.13 -15.52 0.73
N ASN B 48 -18.19 -16.59 -0.07
CA ASN B 48 -19.46 -17.07 -0.58
C ASN B 48 -20.23 -17.93 0.45
N ASP B 49 -21.39 -18.52 0.06
CA ASP B 49 -22.20 -19.24 1.03
C ASP B 49 -21.60 -20.56 1.49
N GLN B 50 -20.52 -20.98 0.85
CA GLN B 50 -19.78 -22.14 1.31
C GLN B 50 -18.58 -21.76 2.17
N GLY B 51 -18.42 -20.46 2.43
CA GLY B 51 -17.32 -19.94 3.26
C GLY B 51 -16.02 -19.71 2.54
N ASN B 52 -16.06 -19.70 1.20
CA ASN B 52 -14.84 -19.58 0.41
C ASN B 52 -14.70 -18.20 -0.21
N ARG B 53 -13.49 -17.64 -0.14
CA ARG B 53 -13.19 -16.32 -0.66
C ARG B 53 -12.93 -16.32 -2.18
N ILE B 54 -12.86 -17.50 -2.77
CA ILE B 54 -12.85 -17.66 -4.23
C ILE B 54 -13.92 -18.67 -4.60
N THR B 55 -14.48 -18.54 -5.80
CA THR B 55 -15.57 -19.39 -6.28
C THR B 55 -15.19 -19.97 -7.64
N PRO B 56 -15.23 -21.31 -7.79
CA PRO B 56 -14.94 -21.87 -9.13
C PRO B 56 -15.90 -21.35 -10.20
N SER B 57 -15.35 -21.06 -11.39
CA SER B 57 -16.13 -20.56 -12.53
C SER B 57 -16.79 -21.74 -13.26
N TYR B 58 -17.66 -22.42 -12.53
CA TYR B 58 -18.30 -23.66 -12.97
C TYR B 58 -19.80 -23.53 -12.87
N VAL B 59 -20.50 -24.12 -13.83
CA VAL B 59 -21.97 -24.17 -13.80
C VAL B 59 -22.37 -25.56 -14.15
N ALA B 60 -23.34 -26.13 -13.45
CA ALA B 60 -23.78 -27.51 -13.77
C ALA B 60 -25.26 -27.60 -13.83
N PHE B 61 -25.74 -28.50 -14.67
CA PHE B 61 -27.16 -28.73 -14.86
C PHE B 61 -27.38 -30.19 -14.54
N THR B 62 -28.04 -30.47 -13.40
CA THR B 62 -28.14 -31.85 -12.87
C THR B 62 -29.29 -32.62 -13.51
N PRO B 63 -29.24 -33.98 -13.48
CA PRO B 63 -30.32 -34.82 -14.04
C PRO B 63 -31.71 -34.50 -13.48
N GLU B 64 -31.74 -34.17 -12.19
CA GLU B 64 -32.96 -33.81 -11.50
C GLU B 64 -33.52 -32.43 -11.93
N GLY B 65 -32.68 -31.58 -12.52
CA GLY B 65 -33.12 -30.26 -13.04
C GLY B 65 -32.52 -29.04 -12.35
N GLU B 66 -31.62 -29.26 -11.39
CA GLU B 66 -31.07 -28.18 -10.57
C GLU B 66 -29.87 -27.55 -11.28
N ARG B 67 -29.83 -26.22 -11.27
N ARG B 67 -29.79 -26.22 -11.23
CA ARG B 67 -28.68 -25.49 -11.76
CA ARG B 67 -28.66 -25.49 -11.80
C ARG B 67 -27.79 -25.24 -10.55
C ARG B 67 -27.72 -25.05 -10.69
N LEU B 68 -26.51 -25.61 -10.68
CA LEU B 68 -25.53 -25.40 -9.62
C LEU B 68 -24.45 -24.47 -10.14
N ILE B 69 -23.98 -23.58 -9.27
CA ILE B 69 -22.94 -22.66 -9.64
C ILE B 69 -21.88 -22.64 -8.59
N GLY B 70 -20.62 -22.79 -9.03
CA GLY B 70 -19.49 -22.66 -8.16
C GLY B 70 -19.02 -23.97 -7.59
N ASP B 71 -18.80 -23.97 -6.27
CA ASP B 71 -18.28 -25.12 -5.58
C ASP B 71 -19.19 -26.37 -5.80
N ALA B 72 -20.50 -26.19 -5.70
CA ALA B 72 -21.46 -27.28 -5.89
C ALA B 72 -21.39 -27.88 -7.30
N ALA B 73 -21.18 -27.03 -8.30
CA ALA B 73 -21.07 -27.48 -9.67
C ALA B 73 -19.79 -28.29 -9.87
N LYS B 74 -18.68 -27.77 -9.38
CA LYS B 74 -17.39 -28.38 -9.60
C LYS B 74 -17.29 -29.78 -8.93
N ASN B 75 -17.95 -29.94 -7.79
CA ASN B 75 -17.85 -31.19 -7.02
C ASN B 75 -18.69 -32.37 -7.54
N GLN B 76 -19.53 -32.15 -8.55
CA GLN B 76 -20.29 -33.26 -9.18
C GLN B 76 -19.89 -33.46 -10.66
N LEU B 77 -18.78 -32.84 -11.07
CA LEU B 77 -18.28 -32.96 -12.43
C LEU B 77 -18.18 -34.43 -12.88
N THR B 78 -17.56 -35.27 -12.06
CA THR B 78 -17.32 -36.67 -12.43
C THR B 78 -18.60 -37.42 -12.82
N SER B 79 -19.67 -37.19 -12.06
CA SER B 79 -20.94 -37.90 -12.28
C SER B 79 -21.82 -37.24 -13.37
N ASN B 80 -21.38 -36.07 -13.87
CA ASN B 80 -22.15 -35.31 -14.84
C ASN B 80 -21.23 -34.57 -15.81
N PRO B 81 -20.28 -35.28 -16.45
CA PRO B 81 -19.23 -34.52 -17.19
C PRO B 81 -19.74 -33.73 -18.41
N GLU B 82 -20.79 -34.25 -19.05
CA GLU B 82 -21.30 -33.61 -20.26
C GLU B 82 -22.09 -32.33 -19.98
N ASN B 83 -22.61 -32.19 -18.76
CA ASN B 83 -23.51 -31.09 -18.42
C ASN B 83 -22.96 -30.20 -17.31
N THR B 84 -21.64 -30.25 -17.15
CA THR B 84 -20.91 -29.40 -16.24
C THR B 84 -20.00 -28.53 -17.07
N VAL B 85 -20.22 -27.23 -16.98
CA VAL B 85 -19.58 -26.27 -17.87
C VAL B 85 -18.52 -25.46 -17.10
N PHE B 86 -17.36 -25.31 -17.73
CA PHE B 86 -16.23 -24.55 -17.18
C PHE B 86 -15.41 -24.02 -18.35
N ASP B 87 -14.42 -23.16 -18.04
CA ASP B 87 -13.53 -22.60 -19.05
C ASP B 87 -14.30 -21.79 -20.10
N ALA B 88 -15.48 -21.26 -19.75
CA ALA B 88 -16.20 -20.40 -20.71
C ALA B 88 -15.38 -19.17 -21.09
N LYS B 89 -14.45 -18.75 -20.22
CA LYS B 89 -13.61 -17.62 -20.54
C LYS B 89 -12.74 -17.86 -21.75
N ARG B 90 -12.45 -19.12 -22.07
CA ARG B 90 -11.70 -19.45 -23.29
C ARG B 90 -12.50 -19.16 -24.54
N LEU B 91 -13.82 -19.14 -24.43
CA LEU B 91 -14.73 -18.98 -25.54
C LEU B 91 -15.36 -17.60 -25.66
N ILE B 92 -15.42 -16.87 -24.56
CA ILE B 92 -16.12 -15.61 -24.52
C ILE B 92 -15.55 -14.59 -25.50
N GLY B 93 -16.44 -13.91 -26.19
CA GLY B 93 -16.04 -12.89 -27.16
C GLY B 93 -15.35 -13.38 -28.40
N ARG B 94 -15.44 -14.68 -28.67
CA ARG B 94 -14.86 -15.28 -29.87
C ARG B 94 -15.91 -15.90 -30.77
N THR B 95 -15.60 -15.96 -32.05
CA THR B 95 -16.48 -16.62 -33.00
C THR B 95 -16.29 -18.14 -32.98
N TRP B 96 -17.30 -18.85 -33.43
CA TRP B 96 -17.25 -20.31 -33.53
C TRP B 96 -16.06 -20.74 -34.36
N ASN B 97 -15.84 -20.07 -35.49
CA ASN B 97 -14.77 -20.48 -36.38
C ASN B 97 -13.36 -19.97 -36.04
N ASP B 98 -13.25 -19.20 -34.96
CA ASP B 98 -11.94 -18.76 -34.45
C ASP B 98 -11.05 -20.01 -34.28
N PRO B 99 -9.85 -20.01 -34.86
CA PRO B 99 -8.98 -21.17 -34.67
C PRO B 99 -8.75 -21.55 -33.22
N SER B 100 -8.68 -20.58 -32.32
CA SER B 100 -8.50 -20.85 -30.87
C SER B 100 -9.69 -21.64 -30.33
N VAL B 101 -10.88 -21.28 -30.75
CA VAL B 101 -12.10 -21.96 -30.31
C VAL B 101 -12.10 -23.38 -30.86
N GLN B 102 -11.81 -23.53 -32.15
CA GLN B 102 -11.82 -24.87 -32.75
C GLN B 102 -10.79 -25.82 -32.11
N GLN B 103 -9.66 -25.27 -31.68
CA GLN B 103 -8.72 -26.06 -30.89
C GLN B 103 -9.23 -26.38 -29.49
N ASP B 104 -9.69 -25.37 -28.78
CA ASP B 104 -10.13 -25.56 -27.38
C ASP B 104 -11.26 -26.56 -27.23
N ILE B 105 -12.22 -26.55 -28.14
CA ILE B 105 -13.40 -27.40 -27.95
C ILE B 105 -13.02 -28.90 -28.06
N LYS B 106 -11.89 -29.21 -28.69
CA LYS B 106 -11.41 -30.60 -28.75
C LYS B 106 -11.13 -31.19 -27.37
N PHE B 107 -10.92 -30.32 -26.39
CA PHE B 107 -10.52 -30.70 -25.04
C PHE B 107 -11.60 -30.51 -24.00
N LEU B 108 -12.76 -29.99 -24.41
CA LEU B 108 -13.85 -29.72 -23.47
C LEU B 108 -14.85 -30.86 -23.57
N PRO B 109 -15.33 -31.36 -22.40
CA PRO B 109 -16.18 -32.55 -22.37
C PRO B 109 -17.65 -32.26 -22.71
N PHE B 110 -18.04 -30.99 -22.61
CA PHE B 110 -19.40 -30.58 -22.93
C PHE B 110 -19.49 -30.18 -24.41
N LYS B 111 -20.71 -30.20 -24.95
CA LYS B 111 -20.93 -29.91 -26.35
C LYS B 111 -20.90 -28.42 -26.63
N VAL B 112 -20.19 -28.06 -27.69
CA VAL B 112 -20.16 -26.70 -28.19
C VAL B 112 -20.59 -26.75 -29.66
N VAL B 113 -21.51 -25.85 -30.01
CA VAL B 113 -22.12 -25.83 -31.33
C VAL B 113 -22.12 -24.41 -31.87
N GLU B 114 -22.16 -24.30 -33.20
CA GLU B 114 -22.29 -23.00 -33.86
C GLU B 114 -23.72 -22.46 -33.78
N LYS B 115 -23.88 -21.28 -33.22
CA LYS B 115 -25.15 -20.59 -33.22
C LYS B 115 -24.87 -19.09 -33.27
N LYS B 116 -25.53 -18.40 -34.19
CA LYS B 116 -25.43 -16.95 -34.32
C LYS B 116 -23.97 -16.52 -34.36
N THR B 117 -23.21 -17.28 -35.14
CA THR B 117 -21.75 -17.09 -35.36
C THR B 117 -20.83 -17.47 -34.22
N LYS B 118 -21.39 -17.85 -33.07
CA LYS B 118 -20.62 -18.01 -31.85
C LYS B 118 -20.59 -19.47 -31.41
N PRO B 119 -19.67 -19.81 -30.49
CA PRO B 119 -19.65 -21.17 -29.93
C PRO B 119 -20.59 -21.27 -28.73
N TYR B 120 -21.82 -21.69 -28.97
CA TYR B 120 -22.77 -21.87 -27.88
C TYR B 120 -22.52 -23.21 -27.21
N ILE B 121 -22.73 -23.23 -25.91
CA ILE B 121 -22.63 -24.44 -25.09
C ILE B 121 -24.01 -25.12 -25.03
N GLN B 122 -24.04 -26.42 -25.33
CA GLN B 122 -25.28 -27.16 -25.36
C GLN B 122 -25.26 -28.17 -24.22
N VAL B 123 -26.32 -28.19 -23.42
CA VAL B 123 -26.42 -29.10 -22.26
C VAL B 123 -27.83 -29.62 -22.13
N ASP B 124 -27.97 -30.73 -21.40
CA ASP B 124 -29.25 -31.26 -20.98
C ASP B 124 -29.54 -30.67 -19.61
N ILE B 125 -30.67 -29.95 -19.48
CA ILE B 125 -31.02 -29.30 -18.22
C ILE B 125 -32.02 -30.14 -17.42
N GLY B 126 -32.80 -30.98 -18.11
CA GLY B 126 -33.82 -31.82 -17.49
C GLY B 126 -34.90 -32.20 -18.49
N GLN B 129 -35.07 -31.83 -21.72
CA GLN B 129 -34.88 -30.56 -22.42
C GLN B 129 -33.39 -30.31 -22.71
N THR B 130 -33.09 -29.90 -23.95
CA THR B 130 -31.76 -29.43 -24.32
C THR B 130 -31.81 -27.93 -24.43
N LYS B 131 -30.79 -27.25 -23.90
CA LYS B 131 -30.69 -25.80 -24.02
C LYS B 131 -29.31 -25.41 -24.50
N THR B 132 -29.23 -24.28 -25.20
CA THR B 132 -27.94 -23.73 -25.59
C THR B 132 -27.73 -22.38 -24.95
N PHE B 133 -26.50 -22.12 -24.59
CA PHE B 133 -26.12 -20.88 -23.94
C PHE B 133 -24.91 -20.27 -24.60
N ALA B 134 -24.96 -18.96 -24.86
CA ALA B 134 -23.77 -18.24 -25.32
C ALA B 134 -22.71 -18.26 -24.23
N PRO B 135 -21.43 -18.16 -24.60
CA PRO B 135 -20.43 -18.13 -23.54
C PRO B 135 -20.70 -17.02 -22.49
N GLU B 136 -21.16 -15.86 -22.94
CA GLU B 136 -21.47 -14.79 -22.00
C GLU B 136 -22.66 -15.10 -21.09
N GLU B 137 -23.57 -16.00 -21.51
CA GLU B 137 -24.64 -16.45 -20.63
C GLU B 137 -24.11 -17.34 -19.52
N ILE B 138 -23.13 -18.19 -19.83
CA ILE B 138 -22.51 -19.00 -18.80
C ILE B 138 -21.74 -18.07 -17.82
N SER B 139 -20.98 -17.12 -18.35
CA SER B 139 -20.24 -16.20 -17.50
C SER B 139 -21.19 -15.34 -16.70
N ALA B 140 -22.36 -15.08 -17.24
CA ALA B 140 -23.36 -14.31 -16.50
C ALA B 140 -23.84 -15.06 -15.28
N MET B 141 -23.94 -16.38 -15.40
CA MET B 141 -24.31 -17.22 -14.26
C MET B 141 -23.27 -17.14 -13.16
N VAL B 142 -22.00 -17.13 -13.54
CA VAL B 142 -20.94 -16.99 -12.57
C VAL B 142 -20.97 -15.59 -11.92
N LEU B 143 -21.18 -14.56 -12.73
CA LEU B 143 -21.29 -13.18 -12.22
C LEU B 143 -22.49 -13.03 -11.29
N THR B 144 -23.59 -13.68 -11.63
CA THR B 144 -24.76 -13.66 -10.78
C THR B 144 -24.43 -14.23 -9.38
N LYS B 145 -23.70 -15.33 -9.34
CA LYS B 145 -23.26 -15.92 -8.06
C LYS B 145 -22.36 -14.94 -7.28
N MET B 146 -21.44 -14.29 -7.98
CA MET B 146 -20.56 -13.28 -7.32
C MET B 146 -21.37 -12.11 -6.78
N LYS B 147 -22.33 -11.67 -7.56
CA LYS B 147 -23.25 -10.60 -7.12
C LYS B 147 -24.04 -11.01 -5.89
N GLU B 148 -24.59 -12.22 -5.89
CA GLU B 148 -25.35 -12.72 -4.72
C GLU B 148 -24.44 -12.79 -3.50
N THR B 149 -23.22 -13.23 -3.70
CA THR B 149 -22.24 -13.29 -2.62
C THR B 149 -22.07 -11.91 -1.99
N ALA B 150 -21.89 -10.90 -2.84
CA ALA B 150 -21.76 -9.51 -2.34
C ALA B 150 -23.04 -8.99 -1.69
N GLU B 151 -24.20 -9.33 -2.26
CA GLU B 151 -25.50 -8.83 -1.75
C GLU B 151 -25.80 -9.40 -0.36
N ALA B 152 -25.44 -10.66 -0.15
CA ALA B 152 -25.57 -11.27 1.17
C ALA B 152 -24.75 -10.54 2.22
N TYR B 153 -23.52 -10.19 1.85
CA TYR B 153 -22.61 -9.50 2.74
C TYR B 153 -23.07 -8.07 3.05
N LEU B 154 -23.48 -7.36 2.01
CA LEU B 154 -23.84 -5.96 2.14
C LEU B 154 -25.22 -5.70 2.67
N GLY B 155 -26.11 -6.67 2.54
CA GLY B 155 -27.48 -6.49 2.92
C GLY B 155 -28.20 -5.48 2.04
N LYS B 156 -27.83 -5.45 0.77
CA LYS B 156 -28.50 -4.59 -0.19
C LYS B 156 -28.23 -5.05 -1.59
N LYS B 157 -28.98 -4.48 -2.53
CA LYS B 157 -28.81 -4.80 -3.93
C LYS B 157 -27.51 -4.20 -4.48
N VAL B 158 -26.85 -4.96 -5.35
CA VAL B 158 -25.68 -4.53 -6.09
C VAL B 158 -26.11 -4.40 -7.54
N THR B 159 -25.85 -3.22 -8.12
CA THR B 159 -26.22 -2.92 -9.48
C THR B 159 -25.04 -2.58 -10.40
N HIS B 160 -23.90 -2.25 -9.81
CA HIS B 160 -22.72 -1.80 -10.60
C HIS B 160 -21.46 -2.50 -10.18
N ALA B 161 -20.53 -2.67 -11.13
CA ALA B 161 -19.30 -3.39 -10.89
C ALA B 161 -18.15 -2.91 -11.75
N VAL B 162 -16.95 -3.20 -11.25
CA VAL B 162 -15.71 -3.17 -12.01
C VAL B 162 -15.34 -4.63 -12.22
N VAL B 163 -15.08 -5.03 -13.46
CA VAL B 163 -14.73 -6.41 -13.79
C VAL B 163 -13.39 -6.42 -14.50
N THR B 164 -12.55 -7.35 -14.13
CA THR B 164 -11.22 -7.46 -14.68
C THR B 164 -11.21 -8.45 -15.86
N VAL B 165 -10.27 -8.22 -16.79
CA VAL B 165 -10.02 -9.14 -17.94
C VAL B 165 -8.51 -9.28 -18.16
N PRO B 166 -8.10 -10.34 -18.85
CA PRO B 166 -6.68 -10.42 -19.23
C PRO B 166 -6.27 -9.23 -20.09
N ALA B 167 -5.02 -8.79 -19.93
CA ALA B 167 -4.56 -7.60 -20.66
C ALA B 167 -4.62 -7.79 -22.19
N TYR B 168 -4.49 -9.05 -22.65
CA TYR B 168 -4.59 -9.38 -24.08
C TYR B 168 -6.01 -9.40 -24.65
N PHE B 169 -7.03 -9.30 -23.80
CA PHE B 169 -8.41 -9.30 -24.30
C PHE B 169 -8.59 -8.19 -25.33
N ASN B 170 -9.30 -8.55 -26.40
CA ASN B 170 -9.57 -7.64 -27.50
C ASN B 170 -10.95 -6.99 -27.33
N ASP B 171 -11.35 -6.17 -28.28
CA ASP B 171 -12.62 -5.42 -28.17
C ASP B 171 -13.85 -6.32 -27.94
N ALA B 172 -13.94 -7.40 -28.70
CA ALA B 172 -15.10 -8.29 -28.61
C ALA B 172 -15.12 -9.03 -27.28
N GLN B 173 -13.94 -9.45 -26.80
CA GLN B 173 -13.83 -10.11 -25.50
C GLN B 173 -14.24 -9.18 -24.36
N ARG B 174 -13.81 -7.91 -24.43
CA ARG B 174 -14.15 -6.95 -23.37
C ARG B 174 -15.63 -6.66 -23.41
N GLN B 175 -16.16 -6.46 -24.60
CA GLN B 175 -17.62 -6.18 -24.73
C GLN B 175 -18.45 -7.37 -24.27
N ALA B 176 -18.03 -8.59 -24.63
CA ALA B 176 -18.75 -9.78 -24.21
C ALA B 176 -18.77 -9.93 -22.70
N THR B 177 -17.70 -9.51 -22.06
CA THR B 177 -17.61 -9.54 -20.60
C THR B 177 -18.57 -8.53 -19.99
N LYS B 178 -18.62 -7.33 -20.57
CA LYS B 178 -19.67 -6.35 -20.15
C LYS B 178 -21.07 -6.91 -20.36
N ASP B 179 -21.28 -7.60 -21.48
CA ASP B 179 -22.58 -8.19 -21.78
C ASP B 179 -22.97 -9.27 -20.78
N ALA B 180 -22.00 -10.07 -20.36
CA ALA B 180 -22.22 -11.05 -19.30
C ALA B 180 -22.72 -10.32 -18.03
N GLY B 181 -22.11 -9.19 -17.70
CA GLY B 181 -22.55 -8.38 -16.56
C GLY B 181 -24.00 -7.94 -16.72
N THR B 182 -24.35 -7.41 -17.89
CA THR B 182 -25.73 -6.96 -18.15
C THR B 182 -26.75 -8.08 -17.91
N ILE B 183 -26.43 -9.29 -18.39
CA ILE B 183 -27.32 -10.43 -18.22
C ILE B 183 -27.50 -10.74 -16.73
N ALA B 184 -26.43 -10.58 -15.97
CA ALA B 184 -26.39 -10.81 -14.53
C ALA B 184 -26.98 -9.65 -13.72
N GLY B 185 -27.41 -8.58 -14.39
CA GLY B 185 -27.95 -7.42 -13.70
C GLY B 185 -26.90 -6.45 -13.18
N LEU B 186 -25.71 -6.48 -13.77
CA LEU B 186 -24.62 -5.59 -13.38
C LEU B 186 -24.29 -4.65 -14.53
N ASN B 187 -24.24 -3.37 -14.20
CA ASN B 187 -23.69 -2.37 -15.05
C ASN B 187 -22.21 -2.40 -14.80
N VAL B 188 -21.45 -2.94 -15.74
CA VAL B 188 -20.01 -3.00 -15.63
C VAL B 188 -19.46 -1.64 -16.06
N MET B 189 -19.13 -0.83 -15.07
CA MET B 189 -18.76 0.58 -15.27
C MET B 189 -17.38 0.72 -15.84
N ARG B 190 -16.50 -0.22 -15.49
CA ARG B 190 -15.12 -0.24 -15.99
C ARG B 190 -14.70 -1.68 -16.20
N ILE B 191 -14.01 -1.92 -17.31
CA ILE B 191 -13.29 -3.16 -17.55
C ILE B 191 -11.82 -2.79 -17.33
N ILE B 192 -11.15 -3.45 -16.39
CA ILE B 192 -9.76 -3.15 -16.12
C ILE B 192 -8.90 -4.39 -16.32
N ASN B 193 -7.65 -4.18 -16.72
CA ASN B 193 -6.74 -5.28 -16.94
C ASN B 193 -6.30 -5.93 -15.63
N GLU B 194 -6.30 -7.25 -15.62
CA GLU B 194 -5.91 -8.02 -14.43
C GLU B 194 -4.53 -7.63 -13.83
N PRO B 195 -3.47 -7.50 -14.65
CA PRO B 195 -2.20 -7.18 -14.02
C PRO B 195 -2.21 -5.78 -13.40
N THR B 196 -2.93 -4.85 -14.02
CA THR B 196 -3.07 -3.50 -13.48
C THR B 196 -3.82 -3.54 -12.14
N ALA B 197 -4.89 -4.35 -12.07
CA ALA B 197 -5.64 -4.53 -10.84
C ALA B 197 -4.70 -5.08 -9.71
N ALA B 198 -3.86 -6.06 -10.02
CA ALA B 198 -2.95 -6.59 -9.04
C ALA B 198 -1.98 -5.51 -8.56
N ALA B 199 -1.46 -4.70 -9.47
CA ALA B 199 -0.54 -3.60 -9.10
C ALA B 199 -1.23 -2.58 -8.19
N ILE B 200 -2.49 -2.29 -8.50
CA ILE B 200 -3.31 -1.36 -7.65
C ILE B 200 -3.51 -1.96 -6.25
N ALA B 201 -3.68 -3.28 -6.16
CA ALA B 201 -3.80 -3.94 -4.82
C ALA B 201 -2.58 -3.64 -3.94
N TYR B 202 -1.40 -3.57 -4.55
CA TYR B 202 -0.15 -3.31 -3.85
C TYR B 202 0.20 -1.83 -3.67
N GLY B 203 -0.74 -0.95 -4.03
CA GLY B 203 -0.53 0.50 -3.92
C GLY B 203 0.46 1.09 -4.90
N LEU B 204 0.77 0.37 -5.97
CA LEU B 204 1.84 0.82 -6.88
C LEU B 204 1.41 1.94 -7.81
N ASP B 205 0.10 2.23 -7.83
CA ASP B 205 -0.42 3.40 -8.56
C ASP B 205 -0.30 4.71 -7.78
N LYS B 206 0.08 4.62 -6.51
CA LYS B 206 0.21 5.80 -5.65
C LYS B 206 1.63 5.97 -5.15
N ARG B 207 2.58 5.95 -6.07
CA ARG B 207 4.01 6.15 -5.79
C ARG B 207 4.62 7.18 -6.75
N GLU B 208 5.67 7.86 -6.28
CA GLU B 208 6.34 8.91 -7.05
C GLU B 208 7.08 8.35 -8.27
N GLY B 209 7.06 9.11 -9.35
CA GLY B 209 7.91 8.84 -10.51
C GLY B 209 7.42 7.72 -11.39
N GLU B 210 8.30 7.32 -12.31
CA GLU B 210 8.01 6.30 -13.31
C GLU B 210 8.69 5.01 -12.91
N LYS B 211 7.94 3.93 -12.94
CA LYS B 211 8.45 2.63 -12.53
C LYS B 211 8.00 1.55 -13.53
N ASN B 212 8.85 0.53 -13.67
CA ASN B 212 8.53 -0.66 -14.47
C ASN B 212 8.13 -1.80 -13.57
N ILE B 213 6.99 -2.39 -13.89
CA ILE B 213 6.36 -3.44 -13.08
C ILE B 213 6.20 -4.70 -13.89
N LEU B 214 6.73 -5.79 -13.36
CA LEU B 214 6.59 -7.11 -13.99
C LEU B 214 5.56 -7.86 -13.17
N VAL B 215 4.45 -8.24 -13.82
CA VAL B 215 3.40 -9.03 -13.17
C VAL B 215 3.47 -10.48 -13.68
N PHE B 216 3.66 -11.41 -12.74
CA PHE B 216 3.80 -12.84 -13.03
C PHE B 216 2.56 -13.52 -12.44
N ASP B 217 1.69 -14.03 -13.31
CA ASP B 217 0.37 -14.50 -12.90
C ASP B 217 0.18 -15.93 -13.35
N LEU B 218 0.35 -16.86 -12.42
CA LEU B 218 0.27 -18.29 -12.69
C LEU B 218 -0.89 -18.86 -11.89
N GLY B 219 -1.94 -19.22 -12.60
CA GLY B 219 -3.21 -19.63 -11.98
C GLY B 219 -3.49 -21.09 -12.18
N GLY B 220 -4.77 -21.41 -12.46
CA GLY B 220 -5.24 -22.75 -12.56
C GLY B 220 -4.95 -23.41 -13.90
N GLY B 221 -5.31 -22.72 -14.98
CA GLY B 221 -5.08 -23.26 -16.32
C GLY B 221 -4.32 -22.32 -17.25
N THR B 222 -3.98 -21.14 -16.76
CA THR B 222 -3.41 -20.07 -17.57
C THR B 222 -2.23 -19.41 -16.88
N PHE B 223 -1.28 -18.94 -17.70
CA PHE B 223 -0.08 -18.28 -17.23
C PHE B 223 0.07 -17.00 -18.01
N ASP B 224 0.05 -15.87 -17.33
CA ASP B 224 0.23 -14.56 -17.98
C ASP B 224 1.35 -13.76 -17.35
N VAL B 225 2.21 -13.18 -18.18
CA VAL B 225 3.23 -12.26 -17.74
C VAL B 225 2.98 -10.93 -18.45
N SER B 226 3.04 -9.84 -17.70
CA SER B 226 2.78 -8.49 -18.24
C SER B 226 3.83 -7.53 -17.74
N LEU B 227 4.29 -6.66 -18.63
CA LEU B 227 5.17 -5.57 -18.25
C LEU B 227 4.35 -4.30 -18.31
N LEU B 228 4.25 -3.61 -17.18
CA LEU B 228 3.50 -2.36 -17.07
C LEU B 228 4.45 -1.24 -16.73
N THR B 229 4.16 -0.06 -17.25
CA THR B 229 4.77 1.16 -16.71
C THR B 229 3.73 1.92 -15.93
N ILE B 230 4.18 2.58 -14.86
CA ILE B 230 3.31 3.40 -14.04
C ILE B 230 3.97 4.76 -13.87
N ASP B 231 3.20 5.80 -14.18
CA ASP B 231 3.65 7.19 -14.10
C ASP B 231 2.42 8.09 -13.85
N ASN B 232 2.41 8.85 -12.75
CA ASN B 232 1.33 9.82 -12.46
C ASN B 232 -0.06 9.19 -12.42
N GLY B 233 -0.16 8.04 -11.77
CA GLY B 233 -1.42 7.29 -11.67
C GLY B 233 -1.84 6.54 -12.93
N VAL B 234 -1.04 6.66 -14.00
CA VAL B 234 -1.40 6.12 -15.31
C VAL B 234 -0.56 4.89 -15.66
N PHE B 235 -1.24 3.79 -15.92
CA PHE B 235 -0.62 2.52 -16.33
C PHE B 235 -0.60 2.39 -17.83
N GLU B 236 0.48 1.86 -18.36
CA GLU B 236 0.55 1.40 -19.73
C GLU B 236 0.97 -0.06 -19.72
N VAL B 237 0.24 -0.89 -20.47
CA VAL B 237 0.66 -2.27 -20.73
C VAL B 237 1.62 -2.27 -21.91
N VAL B 238 2.91 -2.49 -21.63
CA VAL B 238 3.92 -2.40 -22.65
C VAL B 238 4.10 -3.70 -23.43
N ALA B 239 4.03 -4.82 -22.73
CA ALA B 239 4.16 -6.11 -23.38
C ALA B 239 3.50 -7.20 -22.56
N THR B 240 3.02 -8.22 -23.25
CA THR B 240 2.47 -9.39 -22.58
C THR B 240 2.96 -10.67 -23.23
N ASN B 241 3.00 -11.72 -22.43
CA ASN B 241 3.35 -13.05 -22.90
C ASN B 241 2.83 -14.07 -21.87
N GLY B 242 3.26 -15.31 -21.98
CA GLY B 242 2.76 -16.37 -21.10
C GLY B 242 2.47 -17.66 -21.86
N ASP B 243 1.51 -18.42 -21.34
CA ASP B 243 1.08 -19.69 -21.94
C ASP B 243 -0.40 -19.89 -21.57
N THR B 244 -1.23 -19.97 -22.59
CA THR B 244 -2.69 -20.09 -22.40
C THR B 244 -3.13 -21.42 -21.79
N HIS B 245 -2.25 -22.42 -21.83
CA HIS B 245 -2.55 -23.75 -21.29
C HIS B 245 -1.44 -24.26 -20.40
N LEU B 246 -1.09 -23.46 -19.41
CA LEU B 246 -0.15 -23.86 -18.36
C LEU B 246 -0.61 -23.28 -17.06
N GLY B 247 -0.77 -24.14 -16.07
CA GLY B 247 -1.14 -23.72 -14.72
C GLY B 247 -1.14 -24.86 -13.74
N GLY B 248 -1.69 -24.60 -12.55
CA GLY B 248 -1.69 -25.56 -11.48
C GLY B 248 -2.24 -26.92 -11.83
N GLU B 249 -3.26 -26.94 -12.67
CA GLU B 249 -3.88 -28.20 -13.05
C GLU B 249 -2.89 -29.09 -13.75
N ASP B 250 -1.94 -28.49 -14.46
CA ASP B 250 -0.90 -29.28 -15.15
C ASP B 250 0.08 -29.88 -14.17
N PHE B 251 0.36 -29.19 -13.05
CA PHE B 251 1.21 -29.76 -12.02
C PHE B 251 0.53 -30.96 -11.34
N ASP B 252 -0.80 -30.87 -11.16
CA ASP B 252 -1.58 -31.99 -10.57
C ASP B 252 -1.49 -33.20 -11.45
N GLN B 253 -1.63 -32.97 -12.76
CA GLN B 253 -1.60 -34.06 -13.73
C GLN B 253 -0.29 -34.83 -13.64
N ARG B 254 0.81 -34.12 -13.47
CA ARG B 254 2.14 -34.76 -13.35
C ARG B 254 2.23 -35.65 -12.11
N VAL B 255 1.61 -35.20 -11.04
CA VAL B 255 1.61 -35.94 -9.78
C VAL B 255 0.66 -37.15 -9.89
N MET B 256 -0.48 -36.96 -10.55
CA MET B 256 -1.42 -38.07 -10.73
C MET B 256 -0.78 -39.18 -11.54
N GLU B 257 -0.12 -38.80 -12.64
CA GLU B 257 0.60 -39.76 -13.49
C GLU B 257 1.63 -40.55 -12.66
N HIS B 258 2.41 -39.82 -11.86
CA HIS B 258 3.43 -40.45 -10.99
C HIS B 258 2.82 -41.55 -10.11
N PHE B 259 1.71 -41.25 -9.46
CA PHE B 259 1.12 -42.22 -8.51
C PHE B 259 0.37 -43.35 -9.21
N ILE B 260 -0.21 -43.08 -10.37
CA ILE B 260 -0.83 -44.13 -11.17
C ILE B 260 0.22 -45.17 -11.53
N LYS B 261 1.38 -44.71 -11.98
CA LYS B 261 2.42 -45.63 -12.42
C LYS B 261 3.16 -46.26 -11.25
N LEU B 262 3.30 -45.55 -10.14
CA LEU B 262 3.89 -46.16 -8.93
C LEU B 262 2.98 -47.29 -8.43
N TYR B 263 1.67 -47.04 -8.44
CA TYR B 263 0.71 -48.04 -8.01
C TYR B 263 0.78 -49.27 -8.91
N LYS B 264 0.88 -49.04 -10.22
CA LYS B 264 1.01 -50.13 -11.19
C LYS B 264 2.26 -50.97 -10.91
N LYS B 265 3.39 -50.32 -10.61
CA LYS B 265 4.63 -51.05 -10.29
C LYS B 265 4.43 -51.94 -9.08
N LYS B 266 3.87 -51.38 -8.00
CA LYS B 266 3.78 -52.12 -6.72
C LYS B 266 2.73 -53.24 -6.73
N THR B 267 1.66 -53.08 -7.51
CA THR B 267 0.51 -53.99 -7.48
C THR B 267 0.25 -54.75 -8.80
N GLY B 268 0.77 -54.22 -9.91
CA GLY B 268 0.47 -54.75 -11.25
C GLY B 268 -0.87 -54.27 -11.80
N LYS B 269 -1.51 -53.33 -11.09
CA LYS B 269 -2.85 -52.87 -11.42
C LYS B 269 -2.80 -51.49 -12.07
N ASP B 270 -3.44 -51.35 -13.23
CA ASP B 270 -3.51 -50.07 -13.93
C ASP B 270 -4.87 -49.43 -13.71
N VAL B 271 -4.92 -48.41 -12.84
CA VAL B 271 -6.20 -47.81 -12.41
C VAL B 271 -6.86 -46.91 -13.45
N ARG B 272 -6.16 -46.63 -14.55
CA ARG B 272 -6.71 -45.80 -15.63
C ARG B 272 -7.92 -46.48 -16.31
N LYS B 273 -8.05 -47.80 -16.12
CA LYS B 273 -9.24 -48.54 -16.55
C LYS B 273 -10.51 -48.07 -15.81
N ASP B 274 -10.34 -47.48 -14.62
CA ASP B 274 -11.45 -46.96 -13.83
C ASP B 274 -11.24 -45.48 -13.55
N ASN B 275 -12.03 -44.63 -14.21
CA ASN B 275 -11.88 -43.19 -14.05
C ASN B 275 -12.44 -42.64 -12.74
N ARG B 276 -13.25 -43.44 -12.05
CA ARG B 276 -13.72 -43.07 -10.70
C ARG B 276 -12.54 -43.04 -9.71
N ALA B 277 -11.63 -44.01 -9.87
CA ALA B 277 -10.39 -44.07 -9.09
C ALA B 277 -9.51 -42.88 -9.43
N VAL B 278 -9.43 -42.57 -10.72
CA VAL B 278 -8.58 -41.48 -11.19
C VAL B 278 -9.03 -40.14 -10.57
N GLN B 279 -10.33 -39.89 -10.54
CA GLN B 279 -10.83 -38.61 -9.98
C GLN B 279 -10.69 -38.54 -8.45
N LYS B 280 -10.76 -39.68 -7.76
CA LYS B 280 -10.45 -39.72 -6.33
C LYS B 280 -8.99 -39.31 -6.11
N LEU B 281 -8.08 -39.85 -6.92
CA LEU B 281 -6.68 -39.51 -6.85
C LEU B 281 -6.47 -38.03 -7.18
N ARG B 282 -7.16 -37.53 -8.20
CA ARG B 282 -7.05 -36.12 -8.57
C ARG B 282 -7.40 -35.20 -7.41
N ARG B 283 -8.52 -35.48 -6.76
CA ARG B 283 -8.96 -34.67 -5.63
C ARG B 283 -7.91 -34.67 -4.51
N GLU B 284 -7.33 -35.85 -4.21
CA GLU B 284 -6.34 -35.94 -3.15
C GLU B 284 -4.99 -35.32 -3.54
N VAL B 285 -4.62 -35.41 -4.81
CA VAL B 285 -3.41 -34.74 -5.34
C VAL B 285 -3.55 -33.22 -5.21
N GLU B 286 -4.73 -32.70 -5.54
CA GLU B 286 -4.99 -31.25 -5.38
C GLU B 286 -4.75 -30.83 -3.93
N LYS B 287 -5.29 -31.61 -3.01
CA LYS B 287 -5.16 -31.36 -1.58
C LYS B 287 -3.68 -31.41 -1.17
N ALA B 288 -2.99 -32.47 -1.62
CA ALA B 288 -1.59 -32.66 -1.27
C ALA B 288 -0.74 -31.52 -1.81
N LYS B 289 -1.01 -31.10 -3.04
CA LYS B 289 -0.23 -30.01 -3.66
C LYS B 289 -0.33 -28.75 -2.84
N ARG B 290 -1.54 -28.38 -2.46
CA ARG B 290 -1.75 -27.20 -1.64
C ARG B 290 -1.03 -27.31 -0.32
N ALA B 291 -1.07 -28.51 0.29
CA ALA B 291 -0.44 -28.74 1.58
C ALA B 291 1.06 -28.53 1.48
N LEU B 292 1.63 -28.98 0.37
CA LEU B 292 3.08 -28.86 0.13
C LEU B 292 3.56 -27.42 -0.08
N SER B 293 2.66 -26.45 -0.17
CA SER B 293 3.08 -25.05 -0.15
C SER B 293 3.48 -24.53 1.22
N SER B 294 3.10 -25.23 2.28
CA SER B 294 3.50 -24.86 3.64
C SER B 294 4.13 -26.01 4.47
N GLN B 295 3.99 -27.25 3.99
CA GLN B 295 4.58 -28.44 4.61
C GLN B 295 5.57 -29.06 3.65
N HIS B 296 6.42 -29.96 4.16
CA HIS B 296 7.43 -30.62 3.33
C HIS B 296 7.06 -32.04 2.92
N GLN B 297 5.95 -32.54 3.45
CA GLN B 297 5.39 -33.81 3.00
C GLN B 297 3.88 -33.81 3.22
N ALA B 298 3.19 -34.68 2.49
CA ALA B 298 1.76 -34.79 2.55
C ALA B 298 1.37 -36.23 2.25
N ARG B 299 0.42 -36.77 3.02
CA ARG B 299 -0.03 -38.14 2.84
C ARG B 299 -1.29 -38.16 2.01
N ILE B 300 -1.26 -38.99 0.97
CA ILE B 300 -2.41 -39.19 0.11
C ILE B 300 -3.03 -40.53 0.47
N GLU B 301 -4.30 -40.50 0.91
CA GLU B 301 -5.03 -41.69 1.32
C GLU B 301 -6.37 -41.72 0.61
N ILE B 302 -6.73 -42.89 0.09
CA ILE B 302 -7.99 -43.08 -0.60
C ILE B 302 -8.58 -44.42 -0.17
N GLU B 303 -9.77 -44.38 0.43
CA GLU B 303 -10.48 -45.61 0.80
C GLU B 303 -11.04 -46.25 -0.48
N SER B 304 -10.90 -47.56 -0.59
CA SER B 304 -11.48 -48.29 -1.71
C SER B 304 -11.10 -47.65 -3.05
N PHE B 305 -9.80 -47.49 -3.25
CA PHE B 305 -9.25 -46.84 -4.42
C PHE B 305 -9.48 -47.63 -5.70
N TYR B 306 -9.16 -48.91 -5.67
CA TYR B 306 -9.25 -49.76 -6.85
C TYR B 306 -9.38 -51.19 -6.41
N GLU B 307 -10.42 -51.88 -6.92
CA GLU B 307 -10.73 -53.26 -6.54
C GLU B 307 -10.87 -53.42 -5.02
N GLY B 308 -11.40 -52.39 -4.36
CA GLY B 308 -11.65 -52.43 -2.91
C GLY B 308 -10.40 -52.30 -2.03
N GLU B 309 -9.23 -52.14 -2.66
CA GLU B 309 -8.00 -51.96 -1.91
C GLU B 309 -7.78 -50.47 -1.66
N ASP B 310 -7.27 -50.14 -0.48
CA ASP B 310 -6.99 -48.76 -0.11
C ASP B 310 -5.67 -48.28 -0.70
N PHE B 311 -5.56 -46.98 -0.92
CA PHE B 311 -4.32 -46.35 -1.40
C PHE B 311 -3.73 -45.54 -0.27
N SER B 312 -2.41 -45.63 -0.06
CA SER B 312 -1.74 -44.79 0.92
C SER B 312 -0.27 -44.54 0.55
N GLU B 313 0.04 -43.29 0.19
CA GLU B 313 1.40 -42.89 -0.17
C GLU B 313 1.72 -41.48 0.35
N THR B 314 2.99 -41.24 0.61
CA THR B 314 3.45 -39.89 0.93
C THR B 314 4.04 -39.24 -0.31
N LEU B 315 3.75 -37.96 -0.47
CA LEU B 315 4.38 -37.13 -1.49
C LEU B 315 5.20 -36.08 -0.75
N THR B 316 6.50 -36.06 -1.00
CA THR B 316 7.37 -35.02 -0.43
C THR B 316 7.38 -33.79 -1.34
N ARG B 317 7.70 -32.63 -0.76
CA ARG B 317 7.86 -31.43 -1.54
C ARG B 317 8.96 -31.61 -2.56
N ALA B 318 10.04 -32.27 -2.17
CA ALA B 318 11.16 -32.52 -3.08
C ALA B 318 10.69 -33.29 -4.33
N LYS B 319 9.89 -34.34 -4.15
CA LYS B 319 9.37 -35.12 -5.29
C LYS B 319 8.40 -34.32 -6.14
N PHE B 320 7.52 -33.56 -5.48
CA PHE B 320 6.61 -32.68 -6.17
C PHE B 320 7.41 -31.74 -7.09
N GLU B 321 8.45 -31.13 -6.54
CA GLU B 321 9.28 -30.18 -7.30
C GLU B 321 9.98 -30.88 -8.45
N GLU B 322 10.51 -32.07 -8.17
CA GLU B 322 11.25 -32.85 -9.18
C GLU B 322 10.35 -33.23 -10.35
N LEU B 323 9.13 -33.65 -10.06
CA LEU B 323 8.16 -34.06 -11.11
C LEU B 323 7.74 -32.91 -12.03
N ASN B 324 7.83 -31.69 -11.51
CA ASN B 324 7.37 -30.51 -12.23
C ASN B 324 8.49 -29.54 -12.62
N MET B 325 9.75 -29.90 -12.42
CA MET B 325 10.81 -28.88 -12.53
C MET B 325 10.91 -28.26 -13.93
N ASP B 326 10.73 -29.06 -14.97
CA ASP B 326 10.71 -28.55 -16.35
C ASP B 326 9.59 -27.51 -16.55
N LEU B 327 8.40 -27.80 -16.06
CA LEU B 327 7.28 -26.91 -16.20
C LEU B 327 7.57 -25.64 -15.41
N PHE B 328 8.07 -25.77 -14.18
CA PHE B 328 8.38 -24.58 -13.38
C PHE B 328 9.42 -23.69 -14.07
N ARG B 329 10.51 -24.29 -14.54
CA ARG B 329 11.56 -23.50 -15.19
C ARG B 329 11.05 -22.88 -16.50
N SER B 330 10.07 -23.52 -17.16
CA SER B 330 9.49 -23.02 -18.41
C SER B 330 8.81 -21.67 -18.25
N THR B 331 8.47 -21.32 -17.02
CA THR B 331 7.75 -20.09 -16.77
C THR B 331 8.67 -18.87 -16.84
N MET B 332 9.99 -19.10 -16.80
CA MET B 332 10.92 -17.96 -16.87
C MET B 332 11.09 -17.44 -18.28
N LYS B 333 10.89 -18.29 -19.29
CA LYS B 333 11.14 -17.85 -20.67
C LYS B 333 10.20 -16.72 -21.12
N PRO B 334 8.89 -16.82 -20.82
CA PRO B 334 8.03 -15.69 -21.17
C PRO B 334 8.40 -14.40 -20.45
N VAL B 335 8.98 -14.50 -19.26
CA VAL B 335 9.45 -13.31 -18.57
C VAL B 335 10.58 -12.65 -19.37
N GLN B 336 11.53 -13.45 -19.81
CA GLN B 336 12.61 -12.91 -20.63
C GLN B 336 12.05 -12.29 -21.92
N LYS B 337 11.06 -12.96 -22.52
CA LYS B 337 10.43 -12.44 -23.75
C LYS B 337 9.81 -11.07 -23.56
N VAL B 338 9.10 -10.84 -22.45
CA VAL B 338 8.47 -9.52 -22.24
C VAL B 338 9.52 -8.45 -21.98
N LEU B 339 10.62 -8.81 -21.32
CA LEU B 339 11.72 -7.86 -21.14
C LEU B 339 12.31 -7.44 -22.49
N GLU B 340 12.62 -8.44 -23.33
CA GLU B 340 13.13 -8.18 -24.69
C GLU B 340 12.16 -7.30 -25.49
N ASP B 341 10.85 -7.59 -25.38
CA ASP B 341 9.87 -6.84 -26.19
C ASP B 341 9.59 -5.43 -25.66
N SER B 342 9.94 -5.20 -24.40
CA SER B 342 9.81 -3.89 -23.78
C SER B 342 11.13 -3.09 -23.83
N ASP B 343 12.16 -3.68 -24.46
CA ASP B 343 13.53 -3.14 -24.48
C ASP B 343 14.10 -2.86 -23.09
N LEU B 344 13.86 -3.78 -22.16
CA LEU B 344 14.33 -3.63 -20.80
C LEU B 344 15.25 -4.76 -20.39
N LYS B 345 16.12 -4.45 -19.44
CA LYS B 345 16.96 -5.44 -18.79
C LYS B 345 16.35 -5.80 -17.46
N LYS B 346 16.77 -6.93 -16.88
CA LYS B 346 16.31 -7.33 -15.55
C LYS B 346 16.42 -6.21 -14.54
N SER B 347 17.55 -5.50 -14.55
CA SER B 347 17.82 -4.46 -13.57
C SER B 347 16.87 -3.25 -13.68
N ASP B 348 16.15 -3.14 -14.80
CA ASP B 348 15.17 -2.06 -14.99
C ASP B 348 13.83 -2.31 -14.29
N ILE B 349 13.60 -3.52 -13.83
CA ILE B 349 12.33 -3.88 -13.19
C ILE B 349 12.34 -3.38 -11.76
N ASP B 350 11.40 -2.49 -11.43
CA ASP B 350 11.36 -1.85 -10.11
C ASP B 350 10.46 -2.59 -9.13
N GLU B 351 9.45 -3.28 -9.67
CA GLU B 351 8.52 -4.07 -8.85
C GLU B 351 8.18 -5.36 -9.57
N ILE B 352 8.11 -6.44 -8.79
CA ILE B 352 7.70 -7.72 -9.26
C ILE B 352 6.45 -8.10 -8.45
N VAL B 353 5.35 -8.36 -9.14
CA VAL B 353 4.08 -8.70 -8.50
C VAL B 353 3.71 -10.14 -8.88
N LEU B 354 3.58 -11.00 -7.86
CA LEU B 354 3.16 -12.39 -8.02
C LEU B 354 1.67 -12.52 -7.79
N VAL B 355 1.01 -13.04 -8.80
CA VAL B 355 -0.46 -13.16 -8.82
C VAL B 355 -0.77 -14.58 -9.20
N GLY B 356 -1.96 -15.06 -8.84
CA GLY B 356 -2.39 -16.38 -9.22
C GLY B 356 -2.10 -17.39 -8.14
N GLY B 357 -3.01 -18.34 -7.97
CA GLY B 357 -2.93 -19.29 -6.87
C GLY B 357 -1.68 -20.15 -6.87
N SER B 358 -1.14 -20.46 -8.06
CA SER B 358 0.04 -21.30 -8.20
C SER B 358 1.34 -20.62 -7.77
N THR B 359 1.32 -19.30 -7.61
CA THR B 359 2.48 -18.63 -7.05
C THR B 359 2.62 -18.82 -5.54
N ARG B 360 1.68 -19.52 -4.91
CA ARG B 360 1.87 -19.99 -3.56
C ARG B 360 2.96 -21.06 -3.45
N ILE B 361 3.27 -21.71 -4.57
CA ILE B 361 4.28 -22.75 -4.58
C ILE B 361 5.65 -22.15 -4.27
N PRO B 362 6.30 -22.59 -3.19
CA PRO B 362 7.61 -22.04 -2.84
C PRO B 362 8.65 -22.08 -3.96
N LYS B 363 8.69 -23.16 -4.72
CA LYS B 363 9.70 -23.25 -5.77
C LYS B 363 9.46 -22.16 -6.85
N ILE B 364 8.19 -21.86 -7.14
CA ILE B 364 7.89 -20.81 -8.11
C ILE B 364 8.36 -19.46 -7.57
N GLN B 365 8.08 -19.21 -6.30
CA GLN B 365 8.55 -17.98 -5.64
C GLN B 365 10.06 -17.85 -5.72
N GLN B 366 10.77 -18.94 -5.43
CA GLN B 366 12.21 -18.98 -5.47
C GLN B 366 12.74 -18.70 -6.86
N LEU B 367 12.16 -19.35 -7.87
CA LEU B 367 12.62 -19.20 -9.24
C LEU B 367 12.50 -17.75 -9.71
N VAL B 368 11.39 -17.09 -9.37
CA VAL B 368 11.19 -15.70 -9.77
C VAL B 368 12.21 -14.78 -9.09
N LYS B 369 12.37 -14.96 -7.79
CA LYS B 369 13.31 -14.15 -7.03
C LYS B 369 14.73 -14.32 -7.59
N GLU B 370 15.11 -15.56 -7.89
CA GLU B 370 16.46 -15.82 -8.41
C GLU B 370 16.64 -15.28 -9.84
N PHE B 371 15.59 -15.35 -10.67
CA PHE B 371 15.63 -14.77 -12.02
C PHE B 371 15.98 -13.28 -11.91
N PHE B 372 15.44 -12.62 -10.88
CA PHE B 372 15.72 -11.20 -10.65
C PHE B 372 16.85 -10.95 -9.62
N ASN B 373 17.77 -11.91 -9.51
CA ASN B 373 19.02 -11.70 -8.77
C ASN B 373 18.79 -11.35 -7.31
N GLY B 374 17.78 -11.97 -6.72
CA GLY B 374 17.50 -11.83 -5.29
C GLY B 374 16.54 -10.72 -4.91
N LYS B 375 16.03 -9.98 -5.88
CA LYS B 375 15.03 -8.96 -5.60
C LYS B 375 13.75 -9.64 -5.10
N GLU B 376 13.24 -9.19 -3.94
CA GLU B 376 12.02 -9.76 -3.35
C GLU B 376 10.79 -9.35 -4.11
N PRO B 377 10.04 -10.33 -4.65
CA PRO B 377 8.77 -9.99 -5.27
C PRO B 377 7.74 -9.53 -4.24
N SER B 378 6.73 -8.81 -4.72
CA SER B 378 5.64 -8.36 -3.83
C SER B 378 4.84 -9.55 -3.35
N ARG B 379 4.83 -9.73 -2.02
CA ARG B 379 4.06 -10.76 -1.35
C ARG B 379 3.29 -10.17 -0.17
N GLY B 380 2.26 -10.88 0.23
CA GLY B 380 1.53 -10.54 1.41
C GLY B 380 0.06 -10.45 1.15
N ILE B 381 -0.32 -10.18 -0.11
CA ILE B 381 -1.70 -10.22 -0.49
C ILE B 381 -1.94 -11.60 -1.13
N ASN B 382 -3.02 -12.27 -0.69
CA ASN B 382 -3.36 -13.60 -1.20
C ASN B 382 -3.35 -13.53 -2.74
N PRO B 383 -2.52 -14.35 -3.41
CA PRO B 383 -2.38 -14.11 -4.85
C PRO B 383 -3.62 -14.49 -5.70
N ASP B 384 -4.47 -15.34 -5.16
CA ASP B 384 -5.75 -15.62 -5.80
C ASP B 384 -6.83 -14.58 -5.56
N GLU B 385 -6.54 -13.56 -4.73
CA GLU B 385 -7.46 -12.49 -4.42
C GLU B 385 -6.99 -11.12 -4.90
N ALA B 386 -5.71 -10.99 -5.23
CA ALA B 386 -5.14 -9.66 -5.50
C ALA B 386 -5.82 -8.94 -6.66
N VAL B 387 -6.23 -9.66 -7.68
CA VAL B 387 -6.87 -9.04 -8.83
C VAL B 387 -8.23 -8.45 -8.38
N ALA B 388 -9.01 -9.23 -7.66
CA ALA B 388 -10.30 -8.71 -7.13
C ALA B 388 -10.07 -7.55 -6.17
N TYR B 389 -9.00 -7.64 -5.38
CA TYR B 389 -8.66 -6.59 -4.41
C TYR B 389 -8.46 -5.25 -5.15
N GLY B 390 -7.66 -5.27 -6.22
CA GLY B 390 -7.44 -4.08 -7.00
C GLY B 390 -8.69 -3.55 -7.67
N ALA B 391 -9.51 -4.46 -8.20
CA ALA B 391 -10.82 -4.08 -8.78
C ALA B 391 -11.67 -3.38 -7.72
N ALA B 392 -11.66 -3.93 -6.51
CA ALA B 392 -12.42 -3.32 -5.41
C ALA B 392 -11.91 -1.91 -4.98
N VAL B 393 -10.59 -1.71 -5.00
CA VAL B 393 -10.03 -0.39 -4.77
C VAL B 393 -10.60 0.60 -5.77
N GLN B 394 -10.60 0.22 -7.04
CA GLN B 394 -11.17 1.10 -8.08
C GLN B 394 -12.68 1.27 -7.90
N ALA B 395 -13.34 0.21 -7.49
CA ALA B 395 -14.78 0.26 -7.21
C ALA B 395 -15.09 1.26 -6.04
N GLY B 396 -14.18 1.35 -5.08
CA GLY B 396 -14.32 2.26 -3.94
C GLY B 396 -14.39 3.72 -4.36
N VAL B 397 -13.56 4.05 -5.34
CA VAL B 397 -13.51 5.38 -5.89
C VAL B 397 -14.81 5.68 -6.62
N LEU B 398 -15.33 4.70 -7.35
CA LEU B 398 -16.53 4.90 -8.14
C LEU B 398 -17.79 4.96 -7.29
N SER B 399 -17.76 4.33 -6.10
CA SER B 399 -18.90 4.43 -5.18
C SER B 399 -19.01 5.85 -4.60
N GLY B 400 -17.89 6.56 -4.51
CA GLY B 400 -17.89 7.95 -4.02
C GLY B 400 -18.03 8.03 -2.51
#